data_4CQO
#
_entry.id   4CQO
#
_cell.length_a   96.530
_cell.length_b   167.330
_cell.length_c   112.040
_cell.angle_alpha   90.00
_cell.angle_beta   90.00
_cell.angle_gamma   90.00
#
_symmetry.space_group_name_H-M   'P 21 21 2'
#
loop_
_entity.id
_entity.type
_entity.pdbx_description
1 polymer 'CCR4-NOT TRANSCRIPTION COMPLEX SUBUNIT 1'
2 polymer 'NANOS HOMOLOG 1'
3 water water
#
loop_
_entity_poly.entity_id
_entity_poly.type
_entity_poly.pdbx_seq_one_letter_code
_entity_poly.pdbx_strand_id
1 'polypeptide(L)'
;GPHMLEHSGISQASEYDDPPGLREKAEYLLREWVNLYHSAAAGRDSTKAFSAFVGQMHQQGILKTDDLITRFFRLCTEMC
VEISYRAQAEQQHNPAANPTMIRAKCYHNLDAFVRLIALLVKHSGEATNTVTKINLLNKVLGIVVGVLLQDHDVRQSEFQ
QLPYHRIFIMLLLELNAPEHVLETINFQTLTAFCNTFHILRPTKAPGFVYAWLELISHRIFIARMLAHTPQQKGWPMYAQ
LLIDLFKYLAPFLRNVELTKPMQILYKGTLRVLLVLLHDFPEFLCDYHYGFCDVIPPNCIQLRNLILSAFPRNMRLPDPF
TPNLKVDMLSEINIAPRILTNFTGVMPPQFKKDLDSYLKTRSPVTFLSDLRSNLQVSNEPGNRYNLQLINALVLYVGTQA
IAHIHNKGSTPSMSTITHSAHMDIFQNLAVDLDTEGRYLFLNAIANQLRYPNSHTHYFSCTMLYLFAEANTEAIQEQITR
VLLERLIVNRPHPWGLLITFIELIKNPAFKFWNHEFVHCAPEIEKLFQSVAQCCM
;
A,C
2 'polypeptide(L)' FSSWNDYLGLATLITKA B,D
#
# COMPACT_ATOMS: atom_id res chain seq x y z
N TYR A 16 -22.96 -32.52 37.31
CA TYR A 16 -23.90 -31.85 38.21
C TYR A 16 -23.49 -32.03 39.67
N ASP A 17 -22.27 -31.66 40.00
CA ASP A 17 -21.77 -31.78 41.36
C ASP A 17 -22.01 -30.49 42.14
N ASP A 18 -22.91 -29.67 41.64
CA ASP A 18 -23.23 -28.39 42.27
C ASP A 18 -23.96 -28.57 43.61
N PRO A 19 -23.45 -27.93 44.66
CA PRO A 19 -24.11 -27.94 45.97
C PRO A 19 -25.37 -27.09 45.95
N PRO A 20 -26.42 -27.53 46.68
CA PRO A 20 -27.69 -26.81 46.74
C PRO A 20 -27.54 -25.38 47.25
N GLY A 21 -28.25 -24.44 46.63
CA GLY A 21 -28.24 -23.06 47.08
C GLY A 21 -27.24 -22.19 46.36
N LEU A 22 -26.21 -22.80 45.79
CA LEU A 22 -25.15 -22.05 45.12
C LEU A 22 -25.68 -21.31 43.90
N ARG A 23 -26.65 -21.92 43.23
CA ARG A 23 -27.27 -21.31 42.05
CA ARG A 23 -27.27 -21.31 42.05
C ARG A 23 -27.91 -19.97 42.41
N GLU A 24 -28.72 -19.98 43.47
CA GLU A 24 -29.41 -18.78 43.94
C GLU A 24 -28.42 -17.74 44.42
N LYS A 25 -27.40 -18.18 45.15
CA LYS A 25 -26.32 -17.29 45.59
C LYS A 25 -25.73 -16.57 44.39
N ALA A 26 -25.38 -17.33 43.37
CA ALA A 26 -24.77 -16.78 42.16
C ALA A 26 -25.71 -15.81 41.45
N GLU A 27 -26.98 -16.16 41.37
CA GLU A 27 -27.97 -15.28 40.75
C GLU A 27 -28.03 -13.93 41.47
N TYR A 28 -28.19 -14.00 42.80
CA TYR A 28 -28.26 -12.79 43.62
C TYR A 28 -27.01 -11.93 43.48
N LEU A 29 -25.84 -12.55 43.62
CA LEU A 29 -24.58 -11.84 43.55
C LEU A 29 -24.36 -11.19 42.19
N LEU A 30 -24.57 -11.96 41.11
CA LEU A 30 -24.38 -11.45 39.76
C LEU A 30 -25.34 -10.30 39.45
N ARG A 31 -26.61 -10.49 39.81
CA ARG A 31 -27.62 -9.46 39.56
C ARG A 31 -27.29 -8.17 40.31
N GLU A 32 -26.97 -8.32 41.60
CA GLU A 32 -26.64 -7.19 42.44
C GLU A 32 -25.40 -6.45 41.91
N TRP A 33 -24.42 -7.22 41.43
CA TRP A 33 -23.23 -6.61 40.87
C TRP A 33 -23.53 -5.84 39.59
N VAL A 34 -24.37 -6.41 38.73
CA VAL A 34 -24.79 -5.72 37.52
C VAL A 34 -25.42 -4.38 37.90
N ASN A 35 -26.34 -4.45 38.86
CA ASN A 35 -27.00 -3.25 39.36
C ASN A 35 -26.00 -2.19 39.85
N LEU A 36 -25.01 -2.64 40.62
CA LEU A 36 -23.96 -1.74 41.11
C LEU A 36 -23.20 -1.08 39.96
N TYR A 37 -22.79 -1.91 39.01
CA TYR A 37 -22.04 -1.47 37.85
C TYR A 37 -22.79 -0.44 37.04
N HIS A 38 -24.11 -0.57 36.96
CA HIS A 38 -24.90 0.35 36.16
C HIS A 38 -25.54 1.49 36.96
N SER A 39 -25.34 1.49 38.28
CA SER A 39 -25.88 2.58 39.10
C SER A 39 -24.78 3.48 39.63
N ALA A 40 -23.68 2.89 40.07
CA ALA A 40 -22.57 3.65 40.65
C ALA A 40 -21.72 4.30 39.57
N ALA A 41 -21.04 5.38 39.93
CA ALA A 41 -20.17 6.10 39.01
C ALA A 41 -18.70 5.91 39.39
N ALA A 42 -17.82 6.23 38.45
CA ALA A 42 -16.38 6.08 38.68
C ALA A 42 -15.89 7.04 39.75
N GLY A 43 -14.89 6.61 40.51
CA GLY A 43 -14.34 7.41 41.59
C GLY A 43 -14.30 6.64 42.90
N ARG A 44 -14.81 7.27 43.96
CA ARG A 44 -14.86 6.63 45.27
C ARG A 44 -15.99 5.61 45.33
N ASP A 45 -17.07 5.89 44.60
CA ASP A 45 -18.25 5.02 44.59
C ASP A 45 -17.94 3.66 43.98
N SER A 46 -17.03 3.64 43.01
CA SER A 46 -16.65 2.41 42.33
C SER A 46 -15.92 1.46 43.28
N THR A 47 -14.86 1.96 43.92
CA THR A 47 -14.09 1.15 44.85
C THR A 47 -14.89 0.83 46.11
N LYS A 48 -15.83 1.71 46.44
CA LYS A 48 -16.73 1.48 47.56
C LYS A 48 -17.64 0.29 47.29
N ALA A 49 -18.32 0.35 46.14
CA ALA A 49 -19.24 -0.71 45.73
C ALA A 49 -18.49 -2.03 45.53
N PHE A 50 -17.28 -1.95 45.00
CA PHE A 50 -16.46 -3.14 44.79
C PHE A 50 -16.03 -3.77 46.11
N SER A 51 -15.56 -2.95 47.03
CA SER A 51 -15.15 -3.43 48.35
C SER A 51 -16.33 -4.07 49.07
N ALA A 52 -17.46 -3.39 49.04
CA ALA A 52 -18.68 -3.91 49.66
C ALA A 52 -19.07 -5.25 49.05
N PHE A 53 -19.01 -5.33 47.72
CA PHE A 53 -19.40 -6.55 47.02
C PHE A 53 -18.47 -7.71 47.35
N VAL A 54 -17.17 -7.43 47.45
CA VAL A 54 -16.20 -8.43 47.87
C VAL A 54 -16.52 -8.91 49.27
N GLY A 55 -16.84 -7.97 50.15
CA GLY A 55 -17.28 -8.29 51.50
C GLY A 55 -18.43 -9.27 51.49
N GLN A 56 -19.47 -8.95 50.72
CA GLN A 56 -20.63 -9.83 50.61
C GLN A 56 -20.28 -11.19 50.03
N MET A 57 -19.31 -11.21 49.11
CA MET A 57 -18.83 -12.47 48.55
C MET A 57 -18.18 -13.33 49.61
N HIS A 58 -17.46 -12.68 50.53
CA HIS A 58 -16.89 -13.40 51.66
C HIS A 58 -17.96 -13.84 52.64
N GLN A 59 -19.05 -13.07 52.74
CA GLN A 59 -20.15 -13.42 53.64
CA GLN A 59 -20.14 -13.42 53.65
C GLN A 59 -20.90 -14.64 53.16
N GLN A 60 -21.15 -14.71 51.85
CA GLN A 60 -21.94 -15.80 51.27
C GLN A 60 -21.12 -17.07 51.09
N GLY A 61 -19.86 -17.03 51.52
CA GLY A 61 -19.00 -18.20 51.46
C GLY A 61 -18.74 -18.69 50.05
N ILE A 62 -18.37 -17.77 49.17
CA ILE A 62 -18.10 -18.11 47.78
C ILE A 62 -16.60 -18.21 47.55
N LEU A 63 -15.83 -17.51 48.37
CA LEU A 63 -14.39 -17.50 48.26
C LEU A 63 -13.74 -18.41 49.30
N LYS A 64 -14.55 -19.27 49.92
CA LYS A 64 -14.04 -20.21 50.92
C LYS A 64 -13.10 -21.24 50.29
N THR A 65 -13.62 -22.00 49.33
CA THR A 65 -12.82 -22.98 48.61
C THR A 65 -12.61 -22.55 47.17
N ASP A 66 -11.53 -23.01 46.56
CA ASP A 66 -11.26 -22.70 45.15
C ASP A 66 -12.35 -23.29 44.26
N ASP A 67 -12.87 -24.44 44.68
CA ASP A 67 -13.95 -25.11 43.97
C ASP A 67 -15.17 -24.20 43.85
N LEU A 68 -15.57 -23.61 44.98
CA LEU A 68 -16.72 -22.71 45.02
C LEU A 68 -16.52 -21.48 44.14
N ILE A 69 -15.28 -20.98 44.08
CA ILE A 69 -14.94 -19.87 43.20
C ILE A 69 -15.12 -20.27 41.73
N THR A 70 -14.59 -21.45 41.40
CA THR A 70 -14.71 -22.01 40.06
C THR A 70 -16.17 -22.10 39.65
N ARG A 71 -16.99 -22.69 40.52
CA ARG A 71 -18.41 -22.86 40.23
C ARG A 71 -19.11 -21.52 40.15
N PHE A 72 -18.62 -20.54 40.89
CA PHE A 72 -19.17 -19.20 40.87
C PHE A 72 -18.97 -18.58 39.49
N PHE A 73 -17.71 -18.57 39.04
CA PHE A 73 -17.40 -18.02 37.72
C PHE A 73 -18.12 -18.76 36.61
N ARG A 74 -18.18 -20.09 36.72
CA ARG A 74 -18.86 -20.90 35.73
C ARG A 74 -20.35 -20.58 35.65
N LEU A 75 -20.99 -20.51 36.82
CA LEU A 75 -22.41 -20.20 36.90
C LEU A 75 -22.72 -18.81 36.37
N CYS A 76 -21.86 -17.84 36.70
CA CYS A 76 -22.04 -16.48 36.22
C CYS A 76 -21.93 -16.43 34.69
N THR A 77 -20.92 -17.11 34.16
CA THR A 77 -20.73 -17.20 32.72
C THR A 77 -21.94 -17.82 32.04
N GLU A 78 -22.45 -18.91 32.62
CA GLU A 78 -23.61 -19.59 32.08
C GLU A 78 -24.85 -18.70 32.10
N MET A 79 -24.99 -17.91 33.16
CA MET A 79 -26.13 -17.00 33.27
C MET A 79 -26.04 -15.89 32.22
N CYS A 80 -24.86 -15.33 32.04
CA CYS A 80 -24.66 -14.30 31.02
C CYS A 80 -24.96 -14.84 29.62
N VAL A 81 -24.41 -16.01 29.32
CA VAL A 81 -24.64 -16.66 28.03
C VAL A 81 -26.12 -16.94 27.80
N GLU A 82 -26.80 -17.46 28.82
CA GLU A 82 -28.22 -17.75 28.71
C GLU A 82 -29.04 -16.48 28.51
N ILE A 83 -28.60 -15.39 29.14
CA ILE A 83 -29.25 -14.09 28.93
C ILE A 83 -29.08 -13.67 27.48
N SER A 84 -27.87 -13.90 26.94
CA SER A 84 -27.61 -13.60 25.53
C SER A 84 -28.53 -14.40 24.60
N TYR A 85 -28.68 -15.69 24.89
CA TYR A 85 -29.55 -16.55 24.10
C TYR A 85 -31.01 -16.08 24.17
N ARG A 86 -31.47 -15.77 25.38
CA ARG A 86 -32.82 -15.27 25.59
C ARG A 86 -33.08 -13.98 24.82
N ALA A 87 -32.09 -13.09 24.83
CA ALA A 87 -32.20 -11.82 24.12
C ALA A 87 -32.24 -12.03 22.62
N GLN A 88 -31.38 -12.93 22.13
CA GLN A 88 -31.31 -13.22 20.71
C GLN A 88 -32.59 -13.88 20.20
N ALA A 89 -33.23 -14.66 21.08
CA ALA A 89 -34.49 -15.31 20.73
C ALA A 89 -35.59 -14.27 20.52
N GLU A 90 -35.78 -13.40 21.51
CA GLU A 90 -36.79 -12.35 21.43
C GLU A 90 -36.44 -11.19 22.37
N PRO A 99 -31.92 -4.56 16.46
CA PRO A 99 -30.69 -5.34 16.63
C PRO A 99 -29.72 -4.71 17.61
N THR A 100 -29.93 -3.44 17.94
CA THR A 100 -29.06 -2.72 18.85
C THR A 100 -29.50 -2.86 20.31
N MET A 101 -30.79 -3.10 20.50
CA MET A 101 -31.34 -3.29 21.85
C MET A 101 -30.90 -4.63 22.42
N ILE A 102 -30.89 -5.64 21.56
CA ILE A 102 -30.44 -6.98 21.93
C ILE A 102 -28.99 -6.94 22.40
N ARG A 103 -28.13 -6.33 21.59
CA ARG A 103 -26.73 -6.14 21.95
C ARG A 103 -26.64 -5.27 23.19
N ALA A 104 -27.62 -4.38 23.38
CA ALA A 104 -27.62 -3.53 24.58
C ALA A 104 -27.81 -4.36 25.85
N LYS A 105 -28.74 -5.32 25.82
CA LYS A 105 -28.95 -6.19 26.97
C LYS A 105 -27.78 -7.16 27.19
N CYS A 106 -27.48 -7.90 26.14
CA CYS A 106 -26.36 -8.84 26.15
C CYS A 106 -25.14 -8.17 26.74
N TYR A 107 -24.74 -7.05 26.16
CA TYR A 107 -23.54 -6.36 26.59
C TYR A 107 -23.76 -5.68 27.94
N HIS A 108 -25.00 -5.44 28.32
CA HIS A 108 -25.31 -4.95 29.66
C HIS A 108 -24.73 -5.95 30.66
N ASN A 109 -25.35 -7.13 30.69
CA ASN A 109 -24.92 -8.14 31.65
C ASN A 109 -23.45 -8.57 31.46
N LEU A 110 -23.06 -8.80 30.21
CA LEU A 110 -21.71 -9.22 29.89
C LEU A 110 -20.64 -8.22 30.33
N ASP A 111 -20.82 -6.95 29.98
CA ASP A 111 -19.86 -5.93 30.39
C ASP A 111 -19.81 -5.83 31.90
N ALA A 112 -20.97 -5.92 32.55
CA ALA A 112 -20.97 -5.94 34.02
C ALA A 112 -20.06 -7.05 34.56
N PHE A 113 -20.34 -8.28 34.15
CA PHE A 113 -19.56 -9.44 34.60
C PHE A 113 -18.06 -9.30 34.29
N VAL A 114 -17.75 -8.80 33.10
CA VAL A 114 -16.37 -8.58 32.69
C VAL A 114 -15.67 -7.61 33.64
N ARG A 115 -16.34 -6.50 33.95
CA ARG A 115 -15.80 -5.55 34.91
C ARG A 115 -15.54 -6.23 36.25
N LEU A 116 -16.48 -7.09 36.65
CA LEU A 116 -16.29 -7.86 37.88
C LEU A 116 -15.00 -8.68 37.85
N ILE A 117 -14.81 -9.45 36.78
CA ILE A 117 -13.62 -10.28 36.62
C ILE A 117 -12.34 -9.44 36.66
N ALA A 118 -12.34 -8.33 35.93
CA ALA A 118 -11.19 -7.44 35.86
C ALA A 118 -10.83 -6.90 37.23
N LEU A 119 -11.83 -6.44 37.97
CA LEU A 119 -11.59 -5.93 39.31
C LEU A 119 -11.08 -7.01 40.25
N LEU A 120 -11.62 -8.22 40.13
CA LEU A 120 -11.19 -9.33 40.96
C LEU A 120 -9.74 -9.74 40.66
N VAL A 121 -9.34 -9.62 39.39
CA VAL A 121 -7.96 -9.93 39.01
C VAL A 121 -7.00 -8.86 39.50
N LYS A 122 -7.39 -7.60 39.31
CA LYS A 122 -6.57 -6.46 39.71
C LYS A 122 -6.32 -6.43 41.23
N HIS A 123 -7.36 -6.72 42.01
CA HIS A 123 -7.25 -6.63 43.46
C HIS A 123 -7.10 -8.01 44.12
N SER A 124 -6.38 -8.90 43.46
CA SER A 124 -6.13 -10.23 44.01
C SER A 124 -4.83 -10.25 44.80
N GLY A 125 -4.94 -10.57 46.09
CA GLY A 125 -3.78 -10.61 46.96
C GLY A 125 -3.16 -9.23 47.14
N GLU A 126 -1.89 -9.19 47.50
CA GLU A 126 -1.18 -7.93 47.70
C GLU A 126 -1.01 -7.19 46.36
N ALA A 127 -0.45 -6.00 46.43
CA ALA A 127 -0.25 -5.17 45.25
C ALA A 127 0.92 -5.67 44.42
N THR A 128 1.94 -6.20 45.10
CA THR A 128 3.14 -6.67 44.43
C THR A 128 3.03 -8.14 44.01
N ASN A 129 2.00 -8.81 44.50
CA ASN A 129 1.80 -10.22 44.20
C ASN A 129 1.10 -10.42 42.85
N THR A 130 1.89 -10.75 41.83
CA THR A 130 1.38 -10.89 40.47
C THR A 130 0.93 -12.31 40.16
N VAL A 131 1.53 -13.26 40.86
CA VAL A 131 1.29 -14.68 40.64
C VAL A 131 -0.18 -15.06 40.81
N THR A 132 -0.80 -14.61 41.89
CA THR A 132 -2.20 -14.93 42.16
C THR A 132 -3.13 -14.22 41.18
N LYS A 133 -2.73 -13.03 40.74
CA LYS A 133 -3.50 -12.27 39.77
C LYS A 133 -3.54 -13.02 38.44
N ILE A 134 -2.36 -13.37 37.94
CA ILE A 134 -2.26 -14.11 36.69
C ILE A 134 -2.96 -15.47 36.79
N ASN A 135 -2.77 -16.14 37.92
CA ASN A 135 -3.44 -17.42 38.17
C ASN A 135 -4.95 -17.29 38.11
N LEU A 136 -5.49 -16.24 38.71
CA LEU A 136 -6.92 -15.98 38.65
C LEU A 136 -7.35 -15.71 37.21
N LEU A 137 -6.54 -14.97 36.47
CA LEU A 137 -6.84 -14.68 35.07
C LEU A 137 -6.94 -15.95 34.23
N ASN A 138 -5.93 -16.80 34.30
CA ASN A 138 -5.93 -18.03 33.54
C ASN A 138 -7.01 -18.99 34.02
N LYS A 139 -7.34 -18.91 35.31
CA LYS A 139 -8.41 -19.70 35.88
C LYS A 139 -9.75 -19.33 35.24
N VAL A 140 -10.11 -18.05 35.35
CA VAL A 140 -11.35 -17.55 34.77
C VAL A 140 -11.42 -17.83 33.26
N LEU A 141 -10.35 -17.50 32.55
CA LEU A 141 -10.27 -17.74 31.11
C LEU A 141 -10.51 -19.20 30.79
N GLY A 142 -9.90 -20.09 31.59
CA GLY A 142 -10.06 -21.52 31.40
C GLY A 142 -11.50 -21.96 31.61
N ILE A 143 -12.13 -21.43 32.66
CA ILE A 143 -13.53 -21.73 32.94
C ILE A 143 -14.43 -21.32 31.77
N VAL A 144 -14.27 -20.07 31.33
CA VAL A 144 -15.03 -19.55 30.20
C VAL A 144 -14.81 -20.40 28.96
N VAL A 145 -13.57 -20.84 28.74
CA VAL A 145 -13.24 -21.72 27.63
C VAL A 145 -14.01 -23.04 27.73
N GLY A 146 -14.07 -23.61 28.92
CA GLY A 146 -14.80 -24.84 29.15
C GLY A 146 -16.28 -24.67 28.85
N VAL A 147 -16.86 -23.58 29.35
CA VAL A 147 -18.25 -23.26 29.07
C VAL A 147 -18.49 -23.12 27.57
N LEU A 148 -17.54 -22.50 26.87
CA LEU A 148 -17.63 -22.28 25.44
C LEU A 148 -17.63 -23.60 24.68
N LEU A 149 -16.69 -24.48 25.02
CA LEU A 149 -16.56 -25.76 24.34
C LEU A 149 -17.78 -26.64 24.60
N GLN A 150 -18.27 -26.61 25.84
CA GLN A 150 -19.49 -27.35 26.18
C GLN A 150 -20.68 -26.85 25.37
N ASP A 151 -20.87 -25.53 25.38
CA ASP A 151 -21.98 -24.89 24.69
C ASP A 151 -21.92 -25.14 23.18
N HIS A 152 -20.69 -25.21 22.64
CA HIS A 152 -20.49 -25.47 21.23
C HIS A 152 -20.84 -26.92 20.90
N ASP A 153 -20.39 -27.84 21.75
CA ASP A 153 -20.63 -29.25 21.53
C ASP A 153 -22.09 -29.64 21.77
N VAL A 154 -22.83 -28.81 22.50
CA VAL A 154 -24.24 -29.09 22.75
C VAL A 154 -25.17 -28.39 21.73
N ARG A 155 -25.03 -27.08 21.60
CA ARG A 155 -25.89 -26.29 20.73
C ARG A 155 -25.60 -26.52 19.24
N GLN A 156 -24.36 -26.90 18.94
CA GLN A 156 -23.94 -27.20 17.57
C GLN A 156 -24.14 -26.01 16.61
N SER A 157 -25.20 -26.08 15.82
CA SER A 157 -25.46 -25.06 14.81
C SER A 157 -26.13 -23.82 15.38
N GLU A 158 -26.84 -23.99 16.50
CA GLU A 158 -27.51 -22.88 17.15
C GLU A 158 -26.57 -22.13 18.10
N PHE A 159 -25.29 -22.50 18.06
CA PHE A 159 -24.29 -21.88 18.90
C PHE A 159 -24.04 -20.41 18.52
N GLN A 160 -24.16 -19.52 19.49
CA GLN A 160 -23.86 -18.11 19.28
C GLN A 160 -22.52 -17.75 19.89
N GLN A 161 -21.69 -17.05 19.14
CA GLN A 161 -20.32 -16.76 19.54
C GLN A 161 -20.17 -15.37 20.14
N LEU A 162 -21.21 -14.56 20.03
CA LEU A 162 -21.18 -13.15 20.46
C LEU A 162 -20.82 -12.93 21.94
N PRO A 163 -21.49 -13.65 22.88
CA PRO A 163 -21.17 -13.35 24.28
C PRO A 163 -19.73 -13.67 24.67
N TYR A 164 -19.19 -14.78 24.16
CA TYR A 164 -17.82 -15.17 24.47
C TYR A 164 -16.83 -14.17 23.87
N HIS A 165 -17.11 -13.75 22.64
CA HIS A 165 -16.30 -12.73 22.00
C HIS A 165 -16.27 -11.45 22.83
N ARG A 166 -17.44 -11.02 23.28
CA ARG A 166 -17.56 -9.85 24.13
C ARG A 166 -16.75 -10.00 25.41
N ILE A 167 -16.95 -11.12 26.09
CA ILE A 167 -16.21 -11.41 27.31
C ILE A 167 -14.71 -11.27 27.10
N PHE A 168 -14.20 -12.00 26.11
CA PHE A 168 -12.77 -12.03 25.82
C PHE A 168 -12.22 -10.64 25.48
N ILE A 169 -12.80 -9.98 24.48
CA ILE A 169 -12.23 -8.70 24.03
C ILE A 169 -12.39 -7.61 25.09
N MET A 170 -13.52 -7.56 25.79
CA MET A 170 -13.73 -6.53 26.80
C MET A 170 -12.82 -6.77 27.99
N LEU A 171 -12.59 -8.03 28.35
CA LEU A 171 -11.66 -8.32 29.43
C LEU A 171 -10.24 -7.92 29.01
N LEU A 172 -9.91 -8.18 27.75
CA LEU A 172 -8.60 -7.80 27.21
C LEU A 172 -8.40 -6.29 27.28
N LEU A 173 -9.42 -5.53 26.90
CA LEU A 173 -9.36 -4.07 26.92
C LEU A 173 -9.27 -3.55 28.35
N GLU A 174 -10.05 -4.13 29.25
CA GLU A 174 -10.05 -3.74 30.65
C GLU A 174 -8.69 -3.98 31.30
N LEU A 175 -8.07 -5.11 30.96
CA LEU A 175 -6.79 -5.47 31.57
C LEU A 175 -5.60 -4.79 30.91
N ASN A 176 -5.87 -4.04 29.84
CA ASN A 176 -4.82 -3.28 29.17
C ASN A 176 -4.96 -1.78 29.42
N ALA A 177 -5.43 -1.45 30.63
CA ALA A 177 -5.60 -0.06 31.03
C ALA A 177 -4.28 0.53 31.51
N PRO A 178 -4.12 1.86 31.39
CA PRO A 178 -2.90 2.52 31.86
C PRO A 178 -2.83 2.60 33.39
N GLU A 179 -2.68 1.46 34.05
CA GLU A 179 -2.55 1.42 35.50
C GLU A 179 -1.30 0.63 35.89
N HIS A 180 -0.61 1.09 36.93
CA HIS A 180 0.66 0.50 37.36
C HIS A 180 0.56 -1.00 37.64
N VAL A 181 -0.28 -1.37 38.60
CA VAL A 181 -0.50 -2.76 38.97
C VAL A 181 -0.92 -3.59 37.77
N LEU A 182 -1.73 -2.97 36.90
CA LEU A 182 -2.24 -3.64 35.72
C LEU A 182 -1.20 -3.67 34.60
N GLU A 183 -0.18 -2.83 34.73
CA GLU A 183 0.89 -2.77 33.73
C GLU A 183 2.00 -3.75 34.05
N THR A 184 2.23 -4.00 35.34
CA THR A 184 3.27 -4.91 35.77
C THR A 184 2.97 -6.37 35.40
N ILE A 185 1.74 -6.62 34.96
CA ILE A 185 1.34 -7.97 34.59
C ILE A 185 0.85 -8.05 33.15
N ASN A 186 1.16 -7.03 32.36
CA ASN A 186 0.64 -6.92 31.00
C ASN A 186 1.07 -8.07 30.10
N PHE A 187 2.37 -8.36 30.09
CA PHE A 187 2.90 -9.41 29.23
C PHE A 187 2.33 -10.78 29.56
N GLN A 188 2.14 -11.04 30.85
CA GLN A 188 1.58 -12.30 31.31
C GLN A 188 0.10 -12.39 30.96
N THR A 189 -0.58 -11.24 30.99
CA THR A 189 -1.97 -11.15 30.56
C THR A 189 -2.10 -11.52 29.09
N LEU A 190 -1.27 -10.88 28.27
CA LEU A 190 -1.20 -11.16 26.85
C LEU A 190 -0.87 -12.62 26.59
N THR A 191 0.00 -13.18 27.43
CA THR A 191 0.37 -14.59 27.33
C THR A 191 -0.84 -15.47 27.57
N ALA A 192 -1.59 -15.15 28.63
CA ALA A 192 -2.81 -15.87 28.96
C ALA A 192 -3.79 -15.84 27.79
N PHE A 193 -3.98 -14.65 27.22
CA PHE A 193 -4.91 -14.51 26.09
C PHE A 193 -4.41 -15.26 24.85
N CYS A 194 -3.10 -15.33 24.68
CA CYS A 194 -2.52 -16.06 23.55
C CYS A 194 -2.76 -17.56 23.69
N ASN A 195 -2.52 -18.07 24.89
CA ASN A 195 -2.80 -19.47 25.18
C ASN A 195 -4.28 -19.78 24.96
N THR A 196 -5.14 -18.91 25.48
CA THR A 196 -6.58 -19.06 25.33
C THR A 196 -7.01 -19.07 23.86
N PHE A 197 -6.47 -18.15 23.07
CA PHE A 197 -6.79 -18.08 21.64
C PHE A 197 -6.24 -19.29 20.88
N HIS A 198 -5.13 -19.83 21.37
CA HIS A 198 -4.52 -21.01 20.76
C HIS A 198 -5.35 -22.25 21.03
N ILE A 199 -5.92 -22.32 22.24
CA ILE A 199 -6.79 -23.43 22.61
C ILE A 199 -8.10 -23.37 21.82
N LEU A 200 -8.60 -22.17 21.60
CA LEU A 200 -9.84 -21.99 20.84
C LEU A 200 -9.58 -21.83 19.35
N ARG A 201 -8.48 -22.41 18.86
CA ARG A 201 -8.14 -22.35 17.45
C ARG A 201 -9.23 -23.05 16.63
N PRO A 202 -9.52 -22.53 15.42
CA PRO A 202 -10.62 -22.99 14.57
C PRO A 202 -10.60 -24.49 14.27
N THR A 203 -9.43 -25.12 14.23
CA THR A 203 -9.36 -26.55 14.02
C THR A 203 -9.90 -27.32 15.22
N LYS A 204 -9.92 -26.64 16.38
CA LYS A 204 -10.42 -27.24 17.61
C LYS A 204 -11.79 -26.68 17.99
N ALA A 205 -12.11 -25.51 17.45
CA ALA A 205 -13.41 -24.89 17.70
C ALA A 205 -13.89 -24.12 16.46
N PRO A 206 -14.39 -24.84 15.46
CA PRO A 206 -14.84 -24.26 14.18
C PRO A 206 -15.99 -23.27 14.31
N GLY A 207 -16.87 -23.50 15.28
CA GLY A 207 -18.04 -22.66 15.44
C GLY A 207 -17.76 -21.30 16.05
N PHE A 208 -16.48 -21.02 16.28
CA PHE A 208 -16.05 -19.78 16.93
C PHE A 208 -15.03 -19.04 16.06
N VAL A 209 -14.79 -19.56 14.86
CA VAL A 209 -13.69 -19.07 14.02
C VAL A 209 -13.81 -17.59 13.66
N TYR A 210 -15.02 -17.08 13.52
CA TYR A 210 -15.21 -15.66 13.18
C TYR A 210 -14.80 -14.76 14.33
N ALA A 211 -15.40 -15.02 15.50
CA ALA A 211 -15.07 -14.31 16.71
C ALA A 211 -13.59 -14.44 17.02
N TRP A 212 -13.04 -15.63 16.79
CA TRP A 212 -11.63 -15.91 17.00
C TRP A 212 -10.75 -15.01 16.12
N LEU A 213 -11.12 -14.93 14.85
CA LEU A 213 -10.41 -14.12 13.88
C LEU A 213 -10.46 -12.65 14.26
N GLU A 214 -11.63 -12.20 14.71
CA GLU A 214 -11.78 -10.83 15.18
C GLU A 214 -10.91 -10.56 16.40
N LEU A 215 -10.82 -11.56 17.28
CA LEU A 215 -10.06 -11.43 18.51
C LEU A 215 -8.57 -11.35 18.24
N ILE A 216 -8.11 -12.09 17.23
CA ILE A 216 -6.69 -12.06 16.88
C ILE A 216 -6.37 -11.01 15.82
N SER A 217 -7.38 -10.29 15.35
CA SER A 217 -7.17 -9.22 14.38
C SER A 217 -7.34 -7.84 15.00
N HIS A 218 -7.65 -7.81 16.29
CA HIS A 218 -7.89 -6.55 16.98
C HIS A 218 -6.61 -5.72 17.02
N ARG A 219 -6.72 -4.45 16.64
CA ARG A 219 -5.56 -3.57 16.55
C ARG A 219 -4.84 -3.39 17.89
N ILE A 220 -5.59 -3.38 18.98
CA ILE A 220 -4.98 -3.22 20.29
C ILE A 220 -4.17 -4.47 20.65
N PHE A 221 -4.77 -5.63 20.41
CA PHE A 221 -4.08 -6.90 20.66
C PHE A 221 -2.80 -7.00 19.83
N ILE A 222 -2.92 -6.68 18.55
CA ILE A 222 -1.77 -6.70 17.64
C ILE A 222 -0.69 -5.74 18.10
N ALA A 223 -1.10 -4.54 18.52
CA ALA A 223 -0.17 -3.53 19.00
C ALA A 223 0.58 -4.02 20.24
N ARG A 224 -0.16 -4.58 21.19
CA ARG A 224 0.44 -5.05 22.44
C ARG A 224 1.32 -6.27 22.22
N MET A 225 1.03 -7.04 21.19
CA MET A 225 1.82 -8.25 20.91
C MET A 225 3.09 -7.96 20.11
N LEU A 226 3.02 -7.01 19.19
CA LEU A 226 4.11 -6.78 18.25
C LEU A 226 4.92 -5.51 18.51
N ALA A 227 4.42 -4.65 19.39
CA ALA A 227 5.09 -3.37 19.62
C ALA A 227 5.37 -3.10 21.09
N HIS A 228 4.38 -3.35 21.93
CA HIS A 228 4.45 -3.02 23.36
C HIS A 228 5.54 -3.79 24.09
N THR A 229 5.81 -5.02 23.66
CA THR A 229 6.80 -5.86 24.31
C THR A 229 8.16 -5.80 23.64
N PRO A 230 9.20 -5.44 24.39
CA PRO A 230 10.57 -5.44 23.89
C PRO A 230 11.13 -6.86 23.74
N GLN A 231 12.28 -6.97 23.07
CA GLN A 231 12.91 -8.27 22.80
C GLN A 231 12.04 -9.20 21.96
N GLN A 232 10.92 -8.67 21.46
CA GLN A 232 10.03 -9.39 20.55
C GLN A 232 9.62 -10.77 21.05
N LYS A 233 9.34 -10.87 22.34
CA LYS A 233 8.93 -12.14 22.94
C LYS A 233 7.52 -12.53 22.50
N GLY A 234 6.75 -11.55 22.06
CA GLY A 234 5.37 -11.78 21.66
C GLY A 234 5.22 -12.15 20.20
N TRP A 235 6.27 -11.94 19.42
CA TRP A 235 6.23 -12.25 17.99
C TRP A 235 6.01 -13.74 17.68
N PRO A 236 6.73 -14.66 18.34
CA PRO A 236 6.48 -16.07 18.01
C PRO A 236 5.06 -16.53 18.37
N MET A 237 4.45 -15.93 19.38
CA MET A 237 3.13 -16.31 19.84
C MET A 237 2.03 -15.87 18.86
N TYR A 238 2.11 -14.62 18.43
CA TYR A 238 1.17 -14.11 17.44
C TYR A 238 1.40 -14.84 16.12
N ALA A 239 2.65 -15.14 15.83
CA ALA A 239 2.99 -15.93 14.65
C ALA A 239 2.32 -17.30 14.75
N GLN A 240 2.26 -17.84 15.97
CA GLN A 240 1.60 -19.11 16.21
C GLN A 240 0.11 -19.00 15.93
N LEU A 241 -0.48 -17.89 16.35
CA LEU A 241 -1.90 -17.65 16.07
C LEU A 241 -2.19 -17.58 14.56
N LEU A 242 -1.39 -16.79 13.85
CA LEU A 242 -1.54 -16.66 12.41
C LEU A 242 -1.35 -17.99 11.70
N ILE A 243 -0.37 -18.77 12.15
CA ILE A 243 -0.13 -20.09 11.58
C ILE A 243 -1.30 -21.03 11.86
N ASP A 244 -1.94 -20.87 13.01
CA ASP A 244 -3.18 -21.60 13.30
C ASP A 244 -4.25 -21.25 12.27
N LEU A 245 -4.45 -19.95 12.06
CA LEU A 245 -5.42 -19.47 11.08
C LEU A 245 -5.17 -20.04 9.68
N PHE A 246 -3.94 -19.92 9.21
CA PHE A 246 -3.54 -20.40 7.90
C PHE A 246 -3.72 -21.91 7.78
N LYS A 247 -3.36 -22.64 8.83
CA LYS A 247 -3.52 -24.09 8.86
C LYS A 247 -4.98 -24.47 8.75
N TYR A 248 -5.86 -23.70 9.38
CA TYR A 248 -7.28 -23.96 9.26
C TYR A 248 -7.77 -23.68 7.84
N LEU A 249 -7.34 -22.56 7.26
CA LEU A 249 -7.83 -22.13 5.96
C LEU A 249 -7.25 -22.90 4.77
N ALA A 250 -6.14 -23.61 4.99
CA ALA A 250 -5.38 -24.23 3.91
C ALA A 250 -6.18 -25.13 2.97
N PRO A 251 -6.93 -26.13 3.50
CA PRO A 251 -7.61 -27.01 2.55
C PRO A 251 -8.73 -26.31 1.77
N PHE A 252 -9.41 -25.37 2.39
CA PHE A 252 -10.48 -24.64 1.74
C PHE A 252 -9.93 -23.72 0.66
N LEU A 253 -8.84 -23.04 0.96
CA LEU A 253 -8.22 -22.12 0.02
C LEU A 253 -7.51 -22.85 -1.11
N ARG A 254 -7.13 -24.11 -0.86
CA ARG A 254 -6.39 -24.90 -1.82
CA ARG A 254 -6.39 -24.90 -1.82
C ARG A 254 -7.17 -25.08 -3.12
N ASN A 255 -8.48 -25.31 -3.01
CA ASN A 255 -9.31 -25.51 -4.19
C ASN A 255 -10.54 -24.60 -4.23
N VAL A 256 -10.82 -24.07 -5.42
CA VAL A 256 -11.96 -23.18 -5.63
C VAL A 256 -13.00 -23.82 -6.53
N THR A 259 -16.67 -20.79 -0.77
CA THR A 259 -18.03 -20.46 -0.34
C THR A 259 -18.05 -19.09 0.35
N LYS A 260 -19.24 -18.50 0.44
CA LYS A 260 -19.42 -17.16 1.01
C LYS A 260 -18.86 -16.99 2.43
N PRO A 261 -19.11 -17.97 3.34
CA PRO A 261 -18.44 -17.87 4.64
C PRO A 261 -16.92 -17.82 4.52
N MET A 262 -16.39 -18.66 3.65
CA MET A 262 -14.95 -18.71 3.42
C MET A 262 -14.47 -17.43 2.74
N GLN A 263 -15.39 -16.74 2.08
CA GLN A 263 -15.07 -15.45 1.48
C GLN A 263 -15.01 -14.36 2.55
N ILE A 264 -15.85 -14.51 3.57
CA ILE A 264 -15.81 -13.62 4.73
C ILE A 264 -14.50 -13.80 5.49
N LEU A 265 -14.16 -15.06 5.78
CA LEU A 265 -12.93 -15.37 6.48
C LEU A 265 -11.70 -14.96 5.66
N TYR A 266 -11.79 -15.14 4.35
CA TYR A 266 -10.72 -14.73 3.45
C TYR A 266 -10.55 -13.21 3.48
N LYS A 267 -11.68 -12.50 3.53
CA LYS A 267 -11.65 -11.04 3.63
C LYS A 267 -10.99 -10.60 4.93
N GLY A 268 -11.30 -11.32 6.01
CA GLY A 268 -10.71 -11.02 7.30
C GLY A 268 -9.21 -11.23 7.30
N THR A 269 -8.78 -12.36 6.76
CA THR A 269 -7.36 -12.70 6.70
C THR A 269 -6.59 -11.71 5.82
N LEU A 270 -7.21 -11.33 4.70
CA LEU A 270 -6.67 -10.31 3.82
C LEU A 270 -6.50 -9.02 4.60
N ARG A 271 -7.52 -8.68 5.40
CA ARG A 271 -7.50 -7.47 6.19
C ARG A 271 -6.35 -7.45 7.18
N VAL A 272 -6.21 -8.51 7.97
CA VAL A 272 -5.16 -8.54 8.98
C VAL A 272 -3.79 -8.54 8.31
N LEU A 273 -3.67 -9.21 7.16
CA LEU A 273 -2.40 -9.20 6.44
C LEU A 273 -2.07 -7.80 5.92
N LEU A 274 -3.09 -7.04 5.54
CA LEU A 274 -2.91 -5.65 5.13
C LEU A 274 -2.43 -4.80 6.30
N VAL A 275 -3.12 -4.96 7.43
CA VAL A 275 -2.75 -4.27 8.67
C VAL A 275 -1.28 -4.51 9.01
N LEU A 276 -0.90 -5.77 9.07
CA LEU A 276 0.47 -6.15 9.38
C LEU A 276 1.45 -5.61 8.33
N LEU A 277 1.04 -5.62 7.07
CA LEU A 277 1.91 -5.11 6.01
C LEU A 277 2.21 -3.63 6.19
N HIS A 278 1.17 -2.83 6.45
CA HIS A 278 1.34 -1.39 6.55
C HIS A 278 1.94 -0.92 7.88
N ASP A 279 1.67 -1.65 8.96
CA ASP A 279 2.09 -1.19 10.28
C ASP A 279 3.21 -2.02 10.92
N PHE A 280 3.31 -3.30 10.53
CA PHE A 280 4.35 -4.16 11.09
C PHE A 280 5.05 -5.00 10.02
N PRO A 281 5.75 -4.35 9.09
CA PRO A 281 6.36 -5.08 7.98
C PRO A 281 7.50 -6.00 8.43
N GLU A 282 8.20 -5.63 9.49
CA GLU A 282 9.33 -6.41 9.98
C GLU A 282 8.87 -7.79 10.49
N PHE A 283 7.68 -7.84 11.06
CA PHE A 283 7.13 -9.10 11.56
C PHE A 283 6.83 -10.06 10.42
N LEU A 284 6.11 -9.58 9.40
CA LEU A 284 5.83 -10.38 8.21
C LEU A 284 7.13 -10.78 7.52
N CYS A 285 8.11 -9.90 7.61
CA CYS A 285 9.43 -10.12 7.03
C CYS A 285 10.13 -11.31 7.68
N ASP A 286 10.22 -11.28 9.01
CA ASP A 286 10.97 -12.31 9.74
C ASP A 286 10.26 -13.66 9.78
N TYR A 287 8.95 -13.67 9.58
CA TYR A 287 8.18 -14.91 9.62
C TYR A 287 7.57 -15.28 8.27
N HIS A 288 8.22 -14.85 7.19
CA HIS A 288 7.67 -15.05 5.86
C HIS A 288 7.69 -16.52 5.44
N TYR A 289 8.69 -17.25 5.91
CA TYR A 289 8.88 -18.62 5.46
C TYR A 289 7.78 -19.56 5.95
N GLY A 290 7.49 -19.52 7.26
CA GLY A 290 6.46 -20.37 7.82
C GLY A 290 5.09 -20.08 7.25
N PHE A 291 4.78 -18.79 7.15
CA PHE A 291 3.53 -18.34 6.56
C PHE A 291 3.40 -18.85 5.12
N CYS A 292 4.44 -18.66 4.31
CA CYS A 292 4.43 -19.14 2.93
C CYS A 292 4.32 -20.65 2.87
N ASP A 293 4.86 -21.32 3.87
CA ASP A 293 4.90 -22.77 3.91
C ASP A 293 3.52 -23.33 4.23
N VAL A 294 2.73 -22.57 4.98
CA VAL A 294 1.40 -23.04 5.35
C VAL A 294 0.33 -22.59 4.35
N ILE A 295 0.48 -21.39 3.80
CA ILE A 295 -0.48 -20.88 2.82
C ILE A 295 -0.24 -21.49 1.45
N PRO A 296 -1.27 -22.13 0.88
CA PRO A 296 -1.19 -22.79 -0.43
C PRO A 296 -0.77 -21.82 -1.54
N PRO A 297 0.01 -22.31 -2.51
CA PRO A 297 0.66 -21.48 -3.53
C PRO A 297 -0.30 -20.75 -4.47
N ASN A 298 -1.56 -21.16 -4.51
CA ASN A 298 -2.53 -20.53 -5.41
C ASN A 298 -3.10 -19.23 -4.86
N CYS A 299 -2.86 -18.97 -3.57
CA CYS A 299 -3.30 -17.72 -2.95
C CYS A 299 -2.28 -16.63 -3.21
N ILE A 300 -2.30 -16.08 -4.43
CA ILE A 300 -1.31 -15.11 -4.87
C ILE A 300 -1.34 -13.82 -4.03
N GLN A 301 -2.53 -13.33 -3.71
CA GLN A 301 -2.69 -12.06 -3.02
C GLN A 301 -2.08 -12.03 -1.62
N LEU A 302 -2.53 -12.95 -0.76
CA LEU A 302 -2.05 -13.05 0.62
C LEU A 302 -0.53 -13.22 0.67
N ARG A 303 -0.06 -14.21 -0.07
CA ARG A 303 1.37 -14.49 -0.19
CA ARG A 303 1.37 -14.49 -0.16
C ARG A 303 2.12 -13.26 -0.65
N ASN A 304 1.52 -12.49 -1.55
CA ASN A 304 2.15 -11.28 -2.05
C ASN A 304 2.28 -10.25 -0.95
N LEU A 305 1.23 -10.12 -0.15
CA LEU A 305 1.27 -9.24 1.01
C LEU A 305 2.40 -9.64 1.96
N ILE A 306 2.59 -10.95 2.13
CA ILE A 306 3.63 -11.44 3.03
C ILE A 306 5.06 -11.28 2.46
N LEU A 307 5.19 -11.37 1.14
CA LEU A 307 6.49 -11.36 0.48
C LEU A 307 6.95 -9.94 0.11
N SER A 308 6.02 -9.01 0.03
CA SER A 308 6.34 -7.63 -0.31
C SER A 308 6.90 -6.87 0.88
N ALA A 309 6.74 -7.45 2.07
CA ALA A 309 7.18 -6.80 3.30
C ALA A 309 8.70 -6.68 3.37
N PHE A 310 9.16 -5.52 3.85
CA PHE A 310 10.58 -5.26 4.01
C PHE A 310 10.78 -4.24 5.13
N PRO A 311 11.92 -4.29 5.82
CA PRO A 311 12.23 -3.35 6.91
C PRO A 311 12.16 -1.90 6.45
N ARG A 312 11.53 -1.05 7.27
CA ARG A 312 11.32 0.35 6.91
C ARG A 312 12.60 1.17 6.91
N ASN A 313 13.61 0.70 7.63
CA ASN A 313 14.90 1.38 7.66
C ASN A 313 15.77 0.99 6.46
N MET A 314 15.14 0.38 5.46
CA MET A 314 15.83 0.04 4.22
C MET A 314 15.20 0.77 3.04
N ARG A 315 16.04 1.37 2.21
CA ARG A 315 15.58 2.09 1.03
C ARG A 315 15.66 1.18 -0.21
N LEU A 316 14.50 0.90 -0.80
CA LEU A 316 14.46 0.07 -2.01
C LEU A 316 14.75 0.92 -3.25
N PRO A 317 15.81 0.55 -3.99
CA PRO A 317 16.14 1.24 -5.25
C PRO A 317 15.06 0.98 -6.30
N ASP A 318 14.73 2.00 -7.08
CA ASP A 318 13.74 1.87 -8.15
C ASP A 318 14.20 0.85 -9.18
N PRO A 319 13.43 -0.23 -9.37
CA PRO A 319 13.76 -1.30 -10.31
C PRO A 319 13.93 -0.80 -11.75
N PHE A 320 13.27 0.30 -12.09
CA PHE A 320 13.31 0.82 -13.45
C PHE A 320 14.44 1.82 -13.67
N THR A 321 15.24 2.03 -12.63
CA THR A 321 16.40 2.91 -12.72
C THR A 321 17.42 2.36 -13.72
N PRO A 322 17.79 3.19 -14.70
CA PRO A 322 18.72 2.78 -15.77
C PRO A 322 20.06 2.27 -15.23
N ASN A 323 20.44 1.07 -15.65
CA ASN A 323 21.69 0.43 -15.24
C ASN A 323 21.87 0.38 -13.73
N LEU A 324 20.87 -0.16 -13.04
CA LEU A 324 20.96 -0.34 -11.60
C LEU A 324 22.01 -1.39 -11.27
N LYS A 325 23.04 -0.98 -10.53
CA LYS A 325 24.11 -1.89 -10.15
C LYS A 325 23.70 -2.69 -8.92
N VAL A 326 23.02 -3.81 -9.16
CA VAL A 326 22.53 -4.66 -8.08
C VAL A 326 23.69 -5.26 -7.28
N ASP A 327 24.77 -5.60 -7.99
CA ASP A 327 25.95 -6.19 -7.35
C ASP A 327 26.62 -5.21 -6.39
N MET A 328 26.45 -3.91 -6.64
CA MET A 328 27.12 -2.89 -5.85
C MET A 328 26.24 -2.36 -4.71
N LEU A 329 25.06 -2.93 -4.56
CA LEU A 329 24.18 -2.55 -3.46
C LEU A 329 24.75 -3.03 -2.13
N SER A 330 24.52 -2.25 -1.08
CA SER A 330 25.09 -2.56 0.23
C SER A 330 24.42 -3.75 0.91
N GLU A 331 23.10 -3.85 0.76
CA GLU A 331 22.33 -4.86 1.48
C GLU A 331 22.29 -6.20 0.74
N ILE A 332 22.91 -6.26 -0.43
CA ILE A 332 22.90 -7.49 -1.23
C ILE A 332 23.71 -8.60 -0.55
N ASN A 333 24.82 -8.24 0.06
CA ASN A 333 25.71 -9.22 0.68
C ASN A 333 25.26 -9.67 2.06
N ILE A 334 24.14 -9.12 2.53
CA ILE A 334 23.62 -9.43 3.86
C ILE A 334 22.48 -10.44 3.80
N ALA A 335 22.46 -11.38 4.73
CA ALA A 335 21.44 -12.43 4.76
C ALA A 335 20.26 -12.05 5.65
N PRO A 336 19.04 -12.38 5.20
CA PRO A 336 17.83 -12.15 6.01
C PRO A 336 17.72 -13.19 7.11
N ARG A 337 17.06 -12.84 8.21
CA ARG A 337 16.91 -13.76 9.33
C ARG A 337 15.69 -14.66 9.16
N ILE A 338 15.91 -15.96 9.24
CA ILE A 338 14.83 -16.95 9.15
C ILE A 338 14.51 -17.49 10.53
N LEU A 339 13.29 -17.25 10.99
CA LEU A 339 12.90 -17.67 12.33
C LEU A 339 12.17 -19.01 12.31
N THR A 340 12.38 -19.77 11.25
CA THR A 340 11.79 -21.10 11.12
C THR A 340 12.87 -22.14 10.88
N ASN A 341 12.83 -23.23 11.64
CA ASN A 341 13.79 -24.31 11.45
C ASN A 341 13.35 -25.23 10.33
N PHE A 342 13.62 -24.82 9.09
CA PHE A 342 13.19 -25.55 7.91
C PHE A 342 14.00 -26.82 7.69
N THR A 343 15.20 -26.86 8.26
CA THR A 343 16.08 -28.02 8.08
C THR A 343 15.51 -29.26 8.75
N GLY A 344 14.61 -29.05 9.72
CA GLY A 344 14.00 -30.14 10.45
C GLY A 344 12.98 -30.92 9.63
N VAL A 345 12.45 -30.28 8.60
CA VAL A 345 11.50 -30.92 7.69
C VAL A 345 12.18 -32.09 6.98
N MET A 346 13.47 -31.92 6.66
CA MET A 346 14.25 -32.98 6.04
C MET A 346 14.53 -34.12 7.01
N PRO A 347 14.28 -35.37 6.57
CA PRO A 347 14.66 -36.56 7.33
C PRO A 347 16.17 -36.60 7.56
N PRO A 348 16.61 -37.15 8.71
CA PRO A 348 18.02 -37.18 9.10
C PRO A 348 18.93 -37.82 8.05
N GLN A 349 18.54 -38.98 7.54
CA GLN A 349 19.34 -39.68 6.53
C GLN A 349 19.44 -38.89 5.23
N PHE A 350 18.30 -38.35 4.80
CA PHE A 350 18.26 -37.55 3.57
C PHE A 350 19.12 -36.30 3.72
N LYS A 351 19.11 -35.72 4.90
CA LYS A 351 19.91 -34.54 5.20
C LYS A 351 21.40 -34.90 5.20
N LYS A 352 21.70 -36.09 5.69
CA LYS A 352 23.07 -36.59 5.72
C LYS A 352 23.62 -36.80 4.32
N ASP A 353 22.85 -37.47 3.48
CA ASP A 353 23.23 -37.69 2.09
C ASP A 353 23.33 -36.37 1.33
N LEU A 354 22.44 -35.44 1.66
CA LEU A 354 22.42 -34.13 1.04
C LEU A 354 23.72 -33.38 1.34
N ASP A 355 24.06 -33.32 2.62
CA ASP A 355 25.29 -32.66 3.05
C ASP A 355 26.51 -33.33 2.42
N SER A 356 26.48 -34.66 2.38
CA SER A 356 27.54 -35.44 1.78
C SER A 356 27.76 -35.05 0.32
N TYR A 357 26.67 -34.95 -0.45
CA TYR A 357 26.78 -34.58 -1.85
C TYR A 357 27.20 -33.13 -2.02
N LEU A 358 26.75 -32.26 -1.12
CA LEU A 358 27.12 -30.85 -1.19
C LEU A 358 28.60 -30.66 -0.87
N LYS A 359 29.16 -31.60 -0.12
CA LYS A 359 30.56 -31.50 0.30
C LYS A 359 31.51 -32.19 -0.69
N THR A 360 31.05 -33.28 -1.29
CA THR A 360 31.94 -34.10 -2.11
C THR A 360 31.54 -34.16 -3.58
N ARG A 361 30.36 -33.62 -3.90
CA ARG A 361 29.80 -33.67 -5.26
C ARG A 361 29.81 -35.09 -5.81
N SER A 362 29.34 -36.04 -4.99
CA SER A 362 29.35 -37.45 -5.35
C SER A 362 28.48 -38.24 -4.37
N PRO A 363 27.77 -39.27 -4.86
CA PRO A 363 27.68 -39.67 -6.26
C PRO A 363 26.54 -38.97 -7.00
N VAL A 364 26.51 -39.10 -8.32
CA VAL A 364 25.52 -38.45 -9.14
C VAL A 364 24.13 -39.08 -8.98
N THR A 365 24.09 -40.27 -8.40
CA THR A 365 22.84 -41.02 -8.19
C THR A 365 21.87 -40.25 -7.29
N PHE A 366 22.44 -39.46 -6.39
CA PHE A 366 21.70 -38.73 -5.38
C PHE A 366 20.62 -37.81 -5.96
N LEU A 367 20.71 -37.49 -7.25
CA LEU A 367 19.76 -36.59 -7.89
C LEU A 367 18.49 -37.31 -8.36
N SER A 368 18.70 -38.40 -9.10
CA SER A 368 17.63 -39.33 -9.39
C SER A 368 16.95 -39.68 -8.07
N ASP A 369 17.76 -39.87 -7.04
CA ASP A 369 17.22 -40.12 -5.71
C ASP A 369 16.58 -38.87 -5.09
N LEU A 370 16.90 -37.69 -5.64
CA LEU A 370 16.22 -36.47 -5.21
C LEU A 370 14.78 -36.57 -5.64
N ARG A 371 14.55 -36.85 -6.93
CA ARG A 371 13.15 -36.99 -7.31
C ARG A 371 12.53 -38.16 -6.56
N SER A 372 13.32 -39.20 -6.31
CA SER A 372 12.81 -40.33 -5.53
C SER A 372 12.32 -39.88 -4.15
N ASN A 373 12.99 -38.89 -3.56
CA ASN A 373 12.71 -38.47 -2.19
C ASN A 373 11.70 -37.33 -2.06
N LEU A 374 11.47 -36.58 -3.13
CA LEU A 374 10.53 -35.45 -3.04
C LEU A 374 9.08 -35.82 -3.31
N GLN A 375 8.84 -36.99 -3.89
CA GLN A 375 7.48 -37.37 -4.27
C GLN A 375 6.88 -38.37 -3.28
N VAL A 376 5.59 -38.19 -2.97
CA VAL A 376 4.91 -39.03 -2.00
C VAL A 376 3.81 -39.87 -2.64
N SER A 377 3.06 -39.26 -3.55
CA SER A 377 1.93 -39.93 -4.19
C SER A 377 1.93 -39.72 -5.70
N ASN A 378 1.07 -40.47 -6.40
CA ASN A 378 0.91 -40.33 -7.84
C ASN A 378 -0.40 -39.66 -8.20
N GLU A 379 -1.07 -39.10 -7.19
CA GLU A 379 -2.32 -38.37 -7.39
C GLU A 379 -2.05 -36.92 -7.76
N PRO A 380 -2.58 -36.48 -8.91
CA PRO A 380 -2.39 -35.11 -9.42
C PRO A 380 -2.77 -34.04 -8.40
N GLY A 381 -1.82 -33.17 -8.06
CA GLY A 381 -2.06 -32.12 -7.10
C GLY A 381 -1.39 -32.39 -5.76
N ASN A 382 -1.46 -33.64 -5.32
CA ASN A 382 -0.87 -34.04 -4.03
C ASN A 382 0.26 -35.04 -4.21
N ARG A 383 1.00 -34.90 -5.31
CA ARG A 383 2.11 -35.80 -5.61
C ARG A 383 3.29 -35.58 -4.66
N TYR A 384 3.60 -34.32 -4.39
CA TYR A 384 4.83 -33.97 -3.70
C TYR A 384 4.66 -33.50 -2.27
N ASN A 385 5.78 -33.42 -1.56
CA ASN A 385 5.85 -32.85 -0.22
C ASN A 385 6.35 -31.41 -0.33
N LEU A 386 5.41 -30.47 -0.37
CA LEU A 386 5.72 -29.06 -0.59
C LEU A 386 6.75 -28.50 0.40
N GLN A 387 6.53 -28.80 1.68
CA GLN A 387 7.40 -28.31 2.75
C GLN A 387 8.84 -28.77 2.54
N LEU A 388 9.00 -30.04 2.20
CA LEU A 388 10.33 -30.61 1.95
C LEU A 388 11.00 -29.97 0.74
N ILE A 389 10.20 -29.62 -0.27
CA ILE A 389 10.73 -28.96 -1.47
C ILE A 389 11.23 -27.56 -1.13
N ASN A 390 10.40 -26.78 -0.45
CA ASN A 390 10.78 -25.45 0.01
C ASN A 390 12.04 -25.47 0.87
N ALA A 391 12.05 -26.38 1.83
CA ALA A 391 13.19 -26.55 2.72
C ALA A 391 14.45 -26.91 1.95
N LEU A 392 14.33 -27.83 1.01
CA LEU A 392 15.47 -28.26 0.20
C LEU A 392 16.03 -27.11 -0.63
N VAL A 393 15.14 -26.38 -1.30
CA VAL A 393 15.54 -25.25 -2.12
C VAL A 393 16.26 -24.17 -1.30
N LEU A 394 15.61 -23.73 -0.22
CA LEU A 394 16.19 -22.68 0.62
C LEU A 394 17.51 -23.13 1.24
N TYR A 395 17.57 -24.37 1.71
CA TYR A 395 18.76 -24.89 2.37
C TYR A 395 19.93 -24.97 1.40
N VAL A 396 19.70 -25.61 0.26
CA VAL A 396 20.73 -25.72 -0.77
C VAL A 396 21.21 -24.34 -1.18
N GLY A 397 20.27 -23.41 -1.32
CA GLY A 397 20.61 -22.03 -1.64
C GLY A 397 21.52 -21.36 -0.62
N THR A 398 21.15 -21.42 0.66
CA THR A 398 21.92 -20.78 1.71
C THR A 398 23.30 -21.41 1.85
N GLN A 399 23.36 -22.73 1.76
CA GLN A 399 24.62 -23.46 1.81
C GLN A 399 25.50 -23.04 0.63
N ALA A 400 24.88 -22.80 -0.51
CA ALA A 400 25.59 -22.34 -1.69
C ALA A 400 26.16 -20.94 -1.47
N ILE A 401 25.37 -20.08 -0.86
CA ILE A 401 25.81 -18.72 -0.54
C ILE A 401 27.02 -18.76 0.40
N ALA A 402 26.92 -19.58 1.44
CA ALA A 402 28.01 -19.73 2.40
C ALA A 402 29.27 -20.25 1.70
N HIS A 403 29.09 -21.24 0.83
CA HIS A 403 30.20 -21.84 0.11
C HIS A 403 30.90 -20.83 -0.78
N ILE A 404 30.12 -20.07 -1.55
CA ILE A 404 30.65 -19.04 -2.41
C ILE A 404 31.38 -17.96 -1.61
N HIS A 405 30.80 -17.56 -0.49
CA HIS A 405 31.42 -16.58 0.39
C HIS A 405 32.75 -17.10 0.96
N ASN A 406 32.82 -18.40 1.19
CA ASN A 406 34.03 -19.01 1.72
C ASN A 406 35.17 -19.06 0.71
N LYS A 407 34.83 -19.07 -0.57
CA LYS A 407 35.84 -19.12 -1.63
C LYS A 407 36.43 -17.74 -1.92
N GLY A 408 35.92 -16.72 -1.22
CA GLY A 408 36.41 -15.37 -1.38
C GLY A 408 35.78 -14.65 -2.56
N SER A 409 34.47 -14.78 -2.68
CA SER A 409 33.72 -14.12 -3.76
C SER A 409 32.25 -13.99 -3.41
N THR A 410 31.50 -13.34 -4.30
CA THR A 410 30.06 -13.14 -4.08
C THR A 410 29.26 -13.86 -5.15
N PRO A 411 28.02 -14.26 -4.81
CA PRO A 411 27.11 -14.91 -5.77
C PRO A 411 26.92 -14.10 -7.05
N SER A 412 27.17 -14.74 -8.18
CA SER A 412 27.04 -14.09 -9.48
C SER A 412 26.46 -15.05 -10.51
N MET A 413 26.46 -14.63 -11.78
CA MET A 413 25.98 -15.48 -12.86
C MET A 413 27.02 -16.52 -13.24
N SER A 414 28.24 -16.36 -12.76
CA SER A 414 29.33 -17.25 -13.11
C SER A 414 29.88 -17.98 -11.89
N THR A 415 29.48 -17.54 -10.71
CA THR A 415 30.02 -18.09 -9.47
C THR A 415 29.13 -19.16 -8.88
N ILE A 416 27.84 -19.12 -9.21
CA ILE A 416 26.89 -20.10 -8.70
C ILE A 416 26.85 -21.36 -9.56
N THR A 417 27.60 -21.35 -10.66
CA THR A 417 27.52 -22.41 -11.65
C THR A 417 28.47 -23.56 -11.40
N HIS A 418 28.11 -24.73 -11.94
CA HIS A 418 28.95 -25.93 -11.92
C HIS A 418 29.34 -26.35 -10.52
N SER A 419 28.32 -26.62 -9.69
CA SER A 419 28.53 -27.03 -8.31
C SER A 419 27.45 -28.03 -7.90
N ALA A 420 27.66 -28.70 -6.77
CA ALA A 420 26.69 -29.66 -6.27
C ALA A 420 25.32 -29.03 -6.07
N HIS A 421 25.31 -27.81 -5.57
CA HIS A 421 24.07 -27.06 -5.35
C HIS A 421 23.33 -26.88 -6.67
N MET A 422 24.04 -26.32 -7.66
CA MET A 422 23.46 -26.08 -8.96
C MET A 422 23.17 -27.40 -9.67
N ASP A 423 23.90 -28.45 -9.32
CA ASP A 423 23.59 -29.78 -9.82
C ASP A 423 22.19 -30.16 -9.37
N ILE A 424 21.94 -30.00 -8.07
CA ILE A 424 20.63 -30.27 -7.50
C ILE A 424 19.54 -29.44 -8.15
N PHE A 425 19.81 -28.15 -8.33
CA PHE A 425 18.84 -27.24 -8.93
C PHE A 425 18.49 -27.66 -10.37
N GLN A 426 19.50 -27.81 -11.21
CA GLN A 426 19.29 -28.19 -12.61
C GLN A 426 18.60 -29.53 -12.74
N ASN A 427 19.03 -30.49 -11.91
CA ASN A 427 18.40 -31.79 -11.92
C ASN A 427 16.94 -31.70 -11.56
N LEU A 428 16.60 -30.89 -10.56
CA LEU A 428 15.20 -30.70 -10.21
C LEU A 428 14.45 -30.01 -11.34
N ALA A 429 15.18 -29.20 -12.09
CA ALA A 429 14.61 -28.44 -13.20
C ALA A 429 14.34 -29.33 -14.41
N VAL A 430 15.01 -30.47 -14.50
CA VAL A 430 14.78 -31.36 -15.65
C VAL A 430 13.99 -32.63 -15.34
N ASP A 431 14.23 -33.24 -14.18
CA ASP A 431 13.72 -34.58 -13.88
C ASP A 431 12.32 -34.60 -13.26
N LEU A 432 11.87 -33.45 -12.78
CA LEU A 432 10.53 -33.36 -12.18
C LEU A 432 9.47 -33.12 -13.26
N ASP A 433 8.27 -33.63 -13.02
CA ASP A 433 7.15 -33.38 -13.93
C ASP A 433 6.65 -31.94 -13.77
N THR A 434 5.63 -31.57 -14.53
CA THR A 434 5.13 -30.19 -14.54
C THR A 434 4.78 -29.68 -13.14
N GLU A 435 4.08 -30.51 -12.37
CA GLU A 435 3.72 -30.18 -11.00
C GLU A 435 4.95 -29.92 -10.14
N GLY A 436 5.88 -30.87 -10.16
CA GLY A 436 7.12 -30.76 -9.42
C GLY A 436 7.91 -29.52 -9.78
N ARG A 437 8.01 -29.26 -11.08
CA ARG A 437 8.72 -28.08 -11.56
C ARG A 437 8.05 -26.81 -11.07
N TYR A 438 6.72 -26.81 -11.06
CA TYR A 438 5.96 -25.67 -10.57
C TYR A 438 6.26 -25.41 -9.09
N LEU A 439 6.22 -26.46 -8.29
CA LEU A 439 6.52 -26.35 -6.86
C LEU A 439 7.96 -25.89 -6.60
N PHE A 440 8.90 -26.40 -7.38
CA PHE A 440 10.31 -26.05 -7.28
C PHE A 440 10.55 -24.59 -7.61
N LEU A 441 10.12 -24.19 -8.80
CA LEU A 441 10.23 -22.80 -9.24
C LEU A 441 9.56 -21.84 -8.26
N ASN A 442 8.40 -22.23 -7.73
CA ASN A 442 7.74 -21.41 -6.72
C ASN A 442 8.56 -21.32 -5.45
N ALA A 443 9.20 -22.42 -5.07
CA ALA A 443 10.05 -22.45 -3.89
C ALA A 443 11.21 -21.49 -4.06
N ILE A 444 11.71 -21.38 -5.29
CA ILE A 444 12.75 -20.40 -5.59
C ILE A 444 12.20 -18.98 -5.51
N ALA A 445 11.06 -18.75 -6.15
CA ALA A 445 10.47 -17.41 -6.24
C ALA A 445 10.09 -16.83 -4.88
N ASN A 446 9.85 -17.69 -3.90
CA ASN A 446 9.48 -17.26 -2.56
C ASN A 446 10.59 -16.47 -1.86
N GLN A 447 11.80 -16.55 -2.39
CA GLN A 447 12.94 -15.87 -1.78
C GLN A 447 13.28 -14.59 -2.53
N LEU A 448 12.53 -14.31 -3.58
CA LEU A 448 12.71 -13.08 -4.34
C LEU A 448 12.00 -11.92 -3.66
N ARG A 449 12.69 -11.29 -2.71
CA ARG A 449 12.10 -10.23 -1.92
C ARG A 449 12.94 -8.95 -1.96
N TYR A 450 13.14 -8.32 -0.82
CA TYR A 450 13.95 -7.11 -0.72
C TYR A 450 15.43 -7.47 -0.87
N PRO A 451 16.27 -6.49 -1.25
CA PRO A 451 17.70 -6.73 -1.44
C PRO A 451 18.40 -7.44 -0.28
N ASN A 452 18.74 -8.70 -0.50
CA ASN A 452 19.55 -9.48 0.42
C ASN A 452 20.28 -10.58 -0.33
N SER A 453 21.04 -11.40 0.39
CA SER A 453 21.83 -12.46 -0.24
C SER A 453 20.94 -13.52 -0.88
N HIS A 454 19.87 -13.88 -0.18
CA HIS A 454 18.94 -14.87 -0.68
C HIS A 454 18.27 -14.39 -1.97
N THR A 455 17.74 -13.18 -1.94
CA THR A 455 17.08 -12.57 -3.10
C THR A 455 17.99 -12.58 -4.33
N HIS A 456 19.22 -12.11 -4.15
CA HIS A 456 20.16 -12.02 -5.25
C HIS A 456 20.54 -13.40 -5.78
N TYR A 457 20.92 -14.30 -4.87
CA TYR A 457 21.32 -15.64 -5.25
C TYR A 457 20.22 -16.37 -6.02
N PHE A 458 19.00 -16.30 -5.51
CA PHE A 458 17.88 -17.01 -6.13
C PHE A 458 17.41 -16.34 -7.41
N SER A 459 17.64 -15.03 -7.50
CA SER A 459 17.39 -14.31 -8.74
C SER A 459 18.33 -14.84 -9.83
N CYS A 460 19.63 -14.86 -9.50
CA CYS A 460 20.64 -15.38 -10.41
C CYS A 460 20.38 -16.85 -10.75
N THR A 461 19.84 -17.59 -9.79
CA THR A 461 19.55 -19.01 -9.98
C THR A 461 18.39 -19.20 -10.94
N MET A 462 17.34 -18.41 -10.76
CA MET A 462 16.20 -18.44 -11.68
C MET A 462 16.64 -18.09 -13.10
N LEU A 463 17.34 -16.96 -13.23
CA LEU A 463 17.79 -16.52 -14.55
C LEU A 463 18.73 -17.54 -15.21
N TYR A 464 19.60 -18.15 -14.42
CA TYR A 464 20.52 -19.16 -14.92
C TYR A 464 19.77 -20.40 -15.40
N LEU A 465 18.79 -20.83 -14.61
CA LEU A 465 17.97 -21.97 -14.99
C LEU A 465 17.24 -21.67 -16.31
N PHE A 466 16.83 -20.42 -16.48
CA PHE A 466 16.23 -20.01 -17.74
C PHE A 466 17.24 -20.10 -18.89
N ALA A 467 18.47 -19.65 -18.63
CA ALA A 467 19.49 -19.55 -19.66
C ALA A 467 20.02 -20.92 -20.12
N GLU A 468 20.26 -21.81 -19.18
CA GLU A 468 20.83 -23.12 -19.50
C GLU A 468 19.77 -24.17 -19.83
N ALA A 469 18.54 -23.72 -20.01
CA ALA A 469 17.44 -24.63 -20.34
C ALA A 469 17.64 -25.28 -21.70
N ASN A 470 17.48 -26.60 -21.74
CA ASN A 470 17.59 -27.33 -23.00
C ASN A 470 16.28 -27.30 -23.78
N THR A 471 15.16 -27.33 -23.05
CA THR A 471 13.83 -27.23 -23.65
C THR A 471 13.21 -25.88 -23.36
N GLU A 472 12.08 -25.59 -24.01
CA GLU A 472 11.43 -24.30 -23.87
C GLU A 472 10.31 -24.34 -22.83
N ALA A 473 9.92 -25.56 -22.44
CA ALA A 473 8.84 -25.76 -21.49
C ALA A 473 9.13 -25.12 -20.13
N ILE A 474 10.33 -25.36 -19.61
CA ILE A 474 10.71 -24.83 -18.30
C ILE A 474 10.88 -23.31 -18.37
N GLN A 475 11.24 -22.82 -19.55
CA GLN A 475 11.37 -21.37 -19.76
C GLN A 475 9.99 -20.72 -19.70
N GLU A 476 9.06 -21.25 -20.48
CA GLU A 476 7.69 -20.79 -20.44
C GLU A 476 7.11 -20.88 -19.04
N GLN A 477 7.48 -21.95 -18.33
CA GLN A 477 6.99 -22.17 -16.98
C GLN A 477 7.50 -21.10 -16.02
N ILE A 478 8.79 -20.79 -16.10
CA ILE A 478 9.38 -19.71 -15.33
C ILE A 478 8.66 -18.39 -15.62
N THR A 479 8.52 -18.10 -16.91
CA THR A 479 7.84 -16.88 -17.36
C THR A 479 6.44 -16.76 -16.78
N ARG A 480 5.70 -17.87 -16.77
CA ARG A 480 4.32 -17.86 -16.28
C ARG A 480 4.25 -17.78 -14.75
N VAL A 481 5.25 -18.33 -14.08
CA VAL A 481 5.33 -18.18 -12.62
C VAL A 481 5.53 -16.72 -12.25
N LEU A 482 6.54 -16.10 -12.87
CA LEU A 482 6.81 -14.69 -12.63
C LEU A 482 5.59 -13.83 -12.97
N LEU A 483 5.00 -14.10 -14.13
CA LEU A 483 3.80 -13.41 -14.57
C LEU A 483 2.67 -13.49 -13.56
N GLU A 484 2.33 -14.70 -13.13
CA GLU A 484 1.19 -14.90 -12.23
C GLU A 484 1.49 -14.33 -10.84
N ARG A 485 2.75 -14.27 -10.47
CA ARG A 485 3.10 -13.68 -9.18
C ARG A 485 3.13 -12.15 -9.25
N LEU A 486 3.23 -11.60 -10.46
CA LEU A 486 3.25 -10.15 -10.61
C LEU A 486 1.85 -9.54 -10.78
N ILE A 487 0.91 -10.31 -11.34
CA ILE A 487 -0.43 -9.79 -11.57
C ILE A 487 -1.23 -9.74 -10.26
N VAL A 488 -1.04 -8.65 -9.53
CA VAL A 488 -1.69 -8.45 -8.23
C VAL A 488 -1.55 -6.98 -7.85
N ASN A 489 -2.39 -6.53 -6.93
CA ASN A 489 -2.33 -5.13 -6.48
C ASN A 489 -0.99 -4.77 -5.86
N ARG A 490 -0.61 -3.50 -5.98
CA ARG A 490 0.63 -3.00 -5.41
C ARG A 490 0.59 -3.10 -3.88
N PRO A 491 1.77 -3.24 -3.23
CA PRO A 491 3.10 -3.29 -3.83
C PRO A 491 3.50 -4.67 -4.31
N HIS A 492 4.71 -4.77 -4.85
CA HIS A 492 5.25 -6.04 -5.32
C HIS A 492 6.62 -6.28 -4.70
N PRO A 493 7.02 -7.55 -4.54
CA PRO A 493 8.36 -7.85 -4.02
C PRO A 493 9.45 -7.34 -4.96
N TRP A 494 10.45 -6.66 -4.39
CA TRP A 494 11.51 -6.04 -5.18
C TRP A 494 12.26 -7.06 -6.05
N GLY A 495 12.71 -8.15 -5.44
CA GLY A 495 13.48 -9.15 -6.14
C GLY A 495 12.75 -9.79 -7.30
N LEU A 496 11.44 -9.94 -7.16
CA LEU A 496 10.62 -10.54 -8.21
C LEU A 496 10.59 -9.64 -9.43
N LEU A 497 10.27 -8.36 -9.19
CA LEU A 497 10.22 -7.36 -10.24
C LEU A 497 11.57 -7.22 -10.92
N ILE A 498 12.64 -7.22 -10.12
CA ILE A 498 14.01 -7.16 -10.63
C ILE A 498 14.31 -8.34 -11.53
N THR A 499 13.97 -9.54 -11.08
CA THR A 499 14.19 -10.75 -11.85
C THR A 499 13.46 -10.69 -13.19
N PHE A 500 12.18 -10.33 -13.13
CA PHE A 500 11.36 -10.22 -14.34
C PHE A 500 11.96 -9.21 -15.33
N ILE A 501 12.29 -8.02 -14.82
CA ILE A 501 12.89 -6.98 -15.64
C ILE A 501 14.21 -7.44 -16.28
N GLU A 502 15.03 -8.15 -15.51
CA GLU A 502 16.29 -8.69 -16.04
C GLU A 502 16.03 -9.70 -17.15
N LEU A 503 15.07 -10.59 -16.93
CA LEU A 503 14.72 -11.60 -17.92
C LEU A 503 14.20 -10.98 -19.22
N ILE A 504 13.46 -9.90 -19.10
CA ILE A 504 12.82 -9.28 -20.25
C ILE A 504 13.73 -8.31 -21.01
N LYS A 505 14.60 -7.61 -20.28
CA LYS A 505 15.38 -6.51 -20.84
C LYS A 505 16.79 -6.91 -21.28
N ASN A 506 17.43 -7.77 -20.49
CA ASN A 506 18.79 -8.21 -20.79
C ASN A 506 18.83 -9.08 -22.04
N PRO A 507 19.49 -8.59 -23.11
CA PRO A 507 19.52 -9.27 -24.40
C PRO A 507 20.30 -10.59 -24.38
N ALA A 508 21.01 -10.85 -23.29
CA ALA A 508 21.77 -12.10 -23.16
C ALA A 508 20.84 -13.30 -22.98
N PHE A 509 19.69 -13.06 -22.37
CA PHE A 509 18.71 -14.13 -22.15
C PHE A 509 17.87 -14.36 -23.40
N LYS A 510 17.92 -13.40 -24.32
CA LYS A 510 17.25 -13.50 -25.61
C LYS A 510 15.79 -13.93 -25.49
N PHE A 511 15.09 -13.34 -24.53
CA PHE A 511 13.74 -13.76 -24.17
C PHE A 511 12.76 -13.73 -25.35
N TRP A 512 12.86 -12.70 -26.18
CA TRP A 512 11.87 -12.47 -27.23
C TRP A 512 12.12 -13.33 -28.45
N ASN A 513 13.21 -14.08 -28.44
CA ASN A 513 13.55 -14.96 -29.54
C ASN A 513 13.08 -16.40 -29.29
N HIS A 514 12.07 -16.53 -28.43
CA HIS A 514 11.51 -17.84 -28.12
C HIS A 514 10.12 -18.02 -28.71
N GLU A 515 9.68 -19.27 -28.84
CA GLU A 515 8.46 -19.58 -29.56
C GLU A 515 7.20 -19.43 -28.70
N PHE A 516 7.35 -19.57 -27.39
CA PHE A 516 6.19 -19.49 -26.49
C PHE A 516 5.73 -18.06 -26.28
N VAL A 517 6.57 -17.11 -26.65
CA VAL A 517 6.25 -15.69 -26.54
C VAL A 517 6.07 -15.10 -27.94
N HIS A 518 6.20 -15.96 -28.94
CA HIS A 518 6.09 -15.55 -30.33
C HIS A 518 4.66 -15.62 -30.85
N CYS A 519 4.01 -16.76 -30.62
CA CYS A 519 2.68 -17.01 -31.16
C CYS A 519 1.56 -16.60 -30.22
N ALA A 520 1.71 -16.95 -28.94
CA ALA A 520 0.65 -16.80 -27.96
C ALA A 520 0.26 -15.35 -27.69
N PRO A 521 -1.02 -15.03 -27.85
CA PRO A 521 -1.59 -13.74 -27.45
C PRO A 521 -2.11 -13.79 -26.01
N GLU A 522 -2.20 -14.99 -25.45
CA GLU A 522 -2.58 -15.18 -24.05
C GLU A 522 -1.49 -14.65 -23.12
N ILE A 523 -0.27 -15.10 -23.35
CA ILE A 523 0.87 -14.65 -22.56
C ILE A 523 1.10 -13.16 -22.79
N GLU A 524 0.64 -12.67 -23.95
CA GLU A 524 0.69 -11.24 -24.24
C GLU A 524 -0.30 -10.50 -23.35
N LYS A 525 -1.48 -11.08 -23.16
CA LYS A 525 -2.47 -10.52 -22.24
C LYS A 525 -1.92 -10.50 -20.83
N LEU A 526 -1.23 -11.58 -20.46
CA LEU A 526 -0.57 -11.64 -19.16
C LEU A 526 0.44 -10.52 -19.01
N PHE A 527 1.23 -10.28 -20.05
CA PHE A 527 2.22 -9.21 -20.04
C PHE A 527 1.55 -7.85 -19.90
N GLN A 528 0.38 -7.68 -20.52
CA GLN A 528 -0.36 -6.44 -20.43
C GLN A 528 -0.87 -6.22 -19.00
N SER A 529 -1.36 -7.30 -18.38
CA SER A 529 -1.79 -7.25 -16.99
C SER A 529 -0.63 -6.84 -16.10
N VAL A 530 0.51 -7.50 -16.28
CA VAL A 530 1.72 -7.16 -15.54
C VAL A 530 2.07 -5.68 -15.72
N ALA A 531 1.91 -5.19 -16.94
CA ALA A 531 2.16 -3.78 -17.23
C ALA A 531 1.22 -2.88 -16.42
N GLN A 532 -0.05 -3.26 -16.35
CA GLN A 532 -1.04 -2.45 -15.63
C GLN A 532 -0.82 -2.49 -14.12
N CYS A 533 -0.26 -3.59 -13.63
CA CYS A 533 -0.12 -3.79 -12.19
C CYS A 533 1.19 -3.25 -11.62
N CYS A 534 2.29 -3.41 -12.35
CA CYS A 534 3.62 -3.14 -11.82
C CYS A 534 4.34 -1.98 -12.50
N MET A 535 3.76 -1.45 -13.58
CA MET A 535 4.41 -0.39 -14.34
C MET A 535 3.53 0.85 -14.45
N PHE B 1 4.77 -9.27 -28.15
CA PHE B 1 5.71 -8.15 -28.25
C PHE B 1 7.01 -8.61 -28.87
N SER B 2 7.82 -7.65 -29.34
CA SER B 2 9.04 -7.97 -30.07
C SER B 2 10.30 -7.70 -29.26
N SER B 3 10.21 -6.82 -28.28
CA SER B 3 11.37 -6.47 -27.45
C SER B 3 10.98 -5.76 -26.16
N TRP B 4 12.00 -5.27 -25.46
CA TRP B 4 11.81 -4.55 -24.20
C TRP B 4 11.16 -3.20 -24.46
N ASN B 5 11.74 -2.41 -25.36
CA ASN B 5 11.19 -1.11 -25.71
C ASN B 5 9.82 -1.22 -26.38
N ASP B 6 9.62 -2.29 -27.15
CA ASP B 6 8.33 -2.53 -27.80
C ASP B 6 7.27 -2.79 -26.74
N TYR B 7 7.66 -3.51 -25.70
CA TYR B 7 6.76 -3.84 -24.60
C TYR B 7 6.46 -2.62 -23.76
N LEU B 8 7.45 -1.71 -23.65
CA LEU B 8 7.27 -0.49 -22.89
C LEU B 8 6.43 0.54 -23.65
N GLY B 9 6.28 0.33 -24.95
CA GLY B 9 5.50 1.24 -25.78
C GLY B 9 4.03 0.90 -25.80
N LEU B 10 3.65 -0.09 -25.01
CA LEU B 10 2.25 -0.53 -24.91
C LEU B 10 1.35 0.57 -24.35
N ALA B 11 0.17 0.72 -24.94
CA ALA B 11 -0.79 1.72 -24.48
C ALA B 11 -2.06 1.05 -23.95
N THR B 12 -2.06 0.72 -22.66
CA THR B 12 -3.15 -0.03 -22.05
C THR B 12 -4.45 0.76 -21.94
N LEU B 13 -4.36 2.09 -21.89
CA LEU B 13 -5.54 2.93 -21.76
C LEU B 13 -6.32 3.04 -23.06
N ILE B 14 -5.77 2.45 -24.13
CA ILE B 14 -6.43 2.45 -25.43
C ILE B 14 -6.61 1.01 -25.93
N THR B 15 -5.62 0.18 -25.63
CA THR B 15 -5.65 -1.23 -26.06
C THR B 15 -6.21 -2.13 -24.96
N TYR C 16 0.30 23.75 -51.72
CA TYR C 16 0.89 24.01 -50.42
C TYR C 16 2.04 25.01 -50.54
N ASP C 17 2.91 25.03 -49.52
CA ASP C 17 4.04 25.95 -49.51
C ASP C 17 5.35 25.18 -49.69
N ASP C 18 5.23 23.88 -49.98
CA ASP C 18 6.40 23.03 -50.18
C ASP C 18 6.97 23.16 -51.59
N PRO C 19 8.31 23.16 -51.70
CA PRO C 19 8.98 23.17 -53.00
C PRO C 19 8.66 21.92 -53.80
N PRO C 20 8.51 22.05 -55.12
CA PRO C 20 8.15 20.91 -55.98
C PRO C 20 9.21 19.82 -55.98
N GLY C 21 8.77 18.56 -55.96
CA GLY C 21 9.68 17.43 -56.01
C GLY C 21 10.18 16.98 -54.65
N LEU C 22 9.91 17.78 -53.62
CA LEU C 22 10.40 17.48 -52.28
C LEU C 22 9.67 16.26 -51.68
N ARG C 23 8.39 16.13 -51.98
CA ARG C 23 7.60 15.01 -51.47
C ARG C 23 8.15 13.68 -51.96
N GLU C 24 8.58 13.64 -53.22
CA GLU C 24 9.16 12.44 -53.81
C GLU C 24 10.49 12.09 -53.14
N LYS C 25 11.32 13.11 -52.92
CA LYS C 25 12.59 12.94 -52.23
C LYS C 25 12.38 12.35 -50.84
N ALA C 26 11.47 12.97 -50.09
CA ALA C 26 11.15 12.54 -48.74
C ALA C 26 10.60 11.12 -48.71
N GLU C 27 9.75 10.81 -49.67
CA GLU C 27 9.15 9.47 -49.79
C GLU C 27 10.22 8.41 -50.03
N TYR C 28 11.05 8.66 -51.04
CA TYR C 28 12.17 7.78 -51.36
C TYR C 28 13.08 7.56 -50.16
N LEU C 29 13.49 8.66 -49.52
CA LEU C 29 14.39 8.59 -48.37
C LEU C 29 13.77 7.80 -47.21
N LEU C 30 12.51 8.08 -46.90
CA LEU C 30 11.83 7.40 -45.80
C LEU C 30 11.73 5.91 -46.07
N ARG C 31 11.33 5.53 -47.28
CA ARG C 31 11.21 4.12 -47.60
C ARG C 31 12.56 3.40 -47.57
N GLU C 32 13.58 4.05 -48.12
CA GLU C 32 14.93 3.50 -48.09
C GLU C 32 15.41 3.30 -46.66
N TRP C 33 15.12 4.26 -45.80
CA TRP C 33 15.52 4.15 -44.40
C TRP C 33 14.75 3.07 -43.66
N VAL C 34 13.47 2.90 -43.97
CA VAL C 34 12.70 1.83 -43.35
C VAL C 34 13.30 0.48 -43.74
N ASN C 35 13.54 0.32 -45.05
CA ASN C 35 14.19 -0.87 -45.58
C ASN C 35 15.51 -1.17 -44.87
N LEU C 36 16.38 -0.16 -44.79
CA LEU C 36 17.65 -0.30 -44.08
C LEU C 36 17.47 -0.74 -42.64
N TYR C 37 16.58 -0.04 -41.94
CA TYR C 37 16.30 -0.31 -40.53
C TYR C 37 15.85 -1.74 -40.30
N HIS C 38 15.08 -2.28 -41.23
CA HIS C 38 14.59 -3.65 -41.06
C HIS C 38 15.43 -4.68 -41.83
N SER C 39 16.56 -4.24 -42.38
CA SER C 39 17.47 -5.17 -43.04
C SER C 39 18.82 -5.30 -42.32
N ALA C 40 19.25 -4.25 -41.63
CA ALA C 40 20.58 -4.23 -41.02
C ALA C 40 20.57 -4.50 -39.52
N ALA C 41 21.59 -5.23 -39.05
CA ALA C 41 21.73 -5.55 -37.63
C ALA C 41 22.66 -4.57 -36.93
N ALA C 42 22.73 -4.66 -35.61
CA ALA C 42 23.58 -3.77 -34.81
C ALA C 42 25.06 -4.09 -35.02
N GLY C 43 25.87 -3.03 -35.07
CA GLY C 43 27.30 -3.17 -35.27
C GLY C 43 27.82 -2.21 -36.32
N ARG C 44 28.67 -2.71 -37.22
CA ARG C 44 29.22 -1.88 -38.28
C ARG C 44 28.18 -1.61 -39.37
N ASP C 45 27.20 -2.52 -39.47
CA ASP C 45 26.16 -2.42 -40.48
C ASP C 45 25.24 -1.22 -40.24
N SER C 46 24.84 -1.03 -38.99
CA SER C 46 23.97 0.09 -38.62
C SER C 46 24.68 1.42 -38.86
N THR C 47 25.97 1.45 -38.53
CA THR C 47 26.77 2.66 -38.68
C THR C 47 27.02 3.00 -40.14
N LYS C 48 27.35 2.01 -40.95
CA LYS C 48 27.57 2.25 -42.38
C LYS C 48 26.25 2.62 -43.05
N ALA C 49 25.15 2.03 -42.58
CA ALA C 49 23.83 2.33 -43.12
C ALA C 49 23.45 3.77 -42.83
N PHE C 50 23.63 4.19 -41.58
CA PHE C 50 23.30 5.55 -41.19
C PHE C 50 24.21 6.57 -41.87
N SER C 51 25.49 6.24 -41.99
CA SER C 51 26.45 7.13 -42.64
C SER C 51 26.10 7.31 -44.12
N ALA C 52 25.86 6.20 -44.80
CA ALA C 52 25.46 6.22 -46.20
C ALA C 52 24.18 7.02 -46.39
N PHE C 53 23.22 6.80 -45.51
CA PHE C 53 21.92 7.46 -45.60
C PHE C 53 22.04 8.96 -45.39
N VAL C 54 22.90 9.36 -44.45
CA VAL C 54 23.14 10.78 -44.19
C VAL C 54 23.82 11.43 -45.39
N GLY C 55 24.84 10.74 -45.92
CA GLY C 55 25.51 11.19 -47.12
C GLY C 55 24.52 11.42 -48.24
N GLN C 56 23.60 10.48 -48.41
CA GLN C 56 22.57 10.58 -49.43
C GLN C 56 21.60 11.74 -49.15
N MET C 57 21.36 12.01 -47.86
CA MET C 57 20.53 13.15 -47.47
C MET C 57 21.20 14.45 -47.89
N HIS C 58 22.53 14.49 -47.76
CA HIS C 58 23.29 15.64 -48.23
C HIS C 58 23.24 15.74 -49.75
N GLN C 59 23.31 14.59 -50.43
CA GLN C 59 23.29 14.58 -51.88
CA GLN C 59 23.27 14.54 -51.89
C GLN C 59 21.95 15.07 -52.44
N GLN C 60 20.87 14.70 -51.78
CA GLN C 60 19.54 15.09 -52.25
C GLN C 60 19.18 16.53 -51.87
N GLY C 61 20.11 17.20 -51.20
CA GLY C 61 19.93 18.60 -50.84
C GLY C 61 18.76 18.85 -49.92
N ILE C 62 18.74 18.16 -48.78
CA ILE C 62 17.65 18.29 -47.83
C ILE C 62 18.17 18.91 -46.53
N LEU C 63 19.47 18.78 -46.32
CA LEU C 63 20.11 19.38 -45.14
C LEU C 63 20.72 20.73 -45.47
N LYS C 64 20.45 21.23 -46.68
CA LYS C 64 20.99 22.51 -47.13
C LYS C 64 20.52 23.68 -46.28
N THR C 65 19.20 23.80 -46.12
CA THR C 65 18.62 24.87 -45.33
C THR C 65 17.75 24.32 -44.21
N ASP C 66 17.54 25.11 -43.16
CA ASP C 66 16.71 24.70 -42.03
C ASP C 66 15.28 24.42 -42.48
N ASP C 67 14.81 25.21 -43.43
CA ASP C 67 13.45 25.06 -43.93
C ASP C 67 13.25 23.68 -44.57
N LEU C 68 14.21 23.27 -45.40
CA LEU C 68 14.15 21.97 -46.04
C LEU C 68 14.16 20.82 -45.04
N ILE C 69 14.94 20.98 -43.97
CA ILE C 69 14.97 20.00 -42.90
C ILE C 69 13.61 19.91 -42.21
N THR C 70 13.05 21.08 -41.89
CA THR C 70 11.73 21.18 -41.29
C THR C 70 10.69 20.44 -42.12
N ARG C 71 10.63 20.76 -43.41
CA ARG C 71 9.67 20.15 -44.30
C ARG C 71 9.93 18.66 -44.47
N PHE C 72 11.19 18.27 -44.35
CA PHE C 72 11.56 16.87 -44.43
C PHE C 72 10.94 16.10 -43.26
N PHE C 73 11.22 16.56 -42.04
CA PHE C 73 10.67 15.91 -40.85
C PHE C 73 9.15 15.92 -40.85
N ARG C 74 8.58 17.04 -41.29
CA ARG C 74 7.12 17.17 -41.33
C ARG C 74 6.50 16.17 -42.30
N LEU C 75 7.07 16.11 -43.51
CA LEU C 75 6.59 15.16 -44.52
C LEU C 75 6.74 13.72 -44.05
N CYS C 76 7.86 13.42 -43.41
CA CYS C 76 8.08 12.08 -42.86
C CYS C 76 6.99 11.73 -41.84
N THR C 77 6.76 12.64 -40.90
CA THR C 77 5.73 12.45 -39.88
C THR C 77 4.36 12.20 -40.53
N GLU C 78 3.97 13.10 -41.42
CA GLU C 78 2.70 12.99 -42.14
C GLU C 78 2.55 11.64 -42.84
N MET C 79 3.64 11.20 -43.49
CA MET C 79 3.61 9.93 -44.21
C MET C 79 3.45 8.75 -43.26
N CYS C 80 4.15 8.79 -42.13
CA CYS C 80 3.99 7.75 -41.11
C CYS C 80 2.55 7.67 -40.60
N VAL C 81 1.99 8.83 -40.28
CA VAL C 81 0.61 8.92 -39.82
C VAL C 81 -0.38 8.36 -40.86
N GLU C 82 -0.20 8.76 -42.11
CA GLU C 82 -1.06 8.28 -43.19
C GLU C 82 -0.92 6.78 -43.37
N ILE C 83 0.28 6.26 -43.15
CA ILE C 83 0.49 4.82 -43.19
C ILE C 83 -0.27 4.14 -42.07
N SER C 84 -0.30 4.78 -40.89
CA SER C 84 -1.11 4.26 -39.78
C SER C 84 -2.60 4.19 -40.14
N TYR C 85 -3.13 5.31 -40.63
CA TYR C 85 -4.54 5.35 -41.05
C TYR C 85 -4.85 4.27 -42.10
N ARG C 86 -4.04 4.21 -43.15
CA ARG C 86 -4.24 3.25 -44.23
C ARG C 86 -4.17 1.82 -43.71
N ALA C 87 -3.29 1.59 -42.75
CA ALA C 87 -3.14 0.28 -42.15
C ALA C 87 -4.38 -0.12 -41.37
N GLN C 88 -4.90 0.81 -40.57
CA GLN C 88 -6.14 0.57 -39.83
C GLN C 88 -7.29 0.26 -40.78
N ALA C 89 -7.41 1.06 -41.84
CA ALA C 89 -8.45 0.85 -42.84
C ALA C 89 -8.34 -0.55 -43.47
N GLU C 90 -7.15 -0.88 -43.95
CA GLU C 90 -6.91 -2.18 -44.57
C GLU C 90 -7.19 -3.33 -43.60
N GLN C 91 -6.95 -3.08 -42.31
CA GLN C 91 -7.31 -4.05 -41.28
C GLN C 91 -8.80 -4.26 -41.24
N GLN C 92 -9.55 -3.16 -41.14
CA GLN C 92 -10.99 -3.22 -41.05
C GLN C 92 -11.61 -3.85 -42.30
N HIS C 93 -10.93 -3.73 -43.44
CA HIS C 93 -11.45 -4.27 -44.69
C HIS C 93 -11.15 -5.76 -44.86
N ASN C 94 -10.06 -6.22 -44.25
CA ASN C 94 -9.67 -7.62 -44.34
C ASN C 94 -9.58 -8.29 -42.97
N PRO C 95 -10.64 -9.05 -42.60
CA PRO C 95 -10.71 -9.76 -41.33
C PRO C 95 -9.58 -10.77 -41.14
N THR C 100 -2.89 -7.28 -33.85
CA THR C 100 -1.60 -6.74 -33.40
C THR C 100 -0.60 -6.69 -34.55
N MET C 101 -0.93 -7.31 -35.67
CA MET C 101 -0.07 -7.30 -36.85
C MET C 101 -0.11 -5.94 -37.54
N ILE C 102 -1.31 -5.36 -37.59
CA ILE C 102 -1.50 -4.02 -38.13
C ILE C 102 -0.74 -3.02 -37.28
N ARG C 103 -0.92 -3.19 -35.97
CA ARG C 103 -0.11 -2.51 -34.98
C ARG C 103 1.37 -2.63 -35.33
N ALA C 104 1.78 -3.83 -35.75
CA ALA C 104 3.17 -4.08 -36.09
C ALA C 104 3.60 -3.43 -37.40
N LYS C 105 2.65 -3.10 -38.27
CA LYS C 105 2.97 -2.36 -39.50
C LYS C 105 3.15 -0.88 -39.21
N CYS C 106 2.12 -0.30 -38.59
CA CYS C 106 2.17 1.07 -38.14
C CYS C 106 3.48 1.28 -37.39
N TYR C 107 3.76 0.38 -36.46
CA TYR C 107 4.97 0.47 -35.66
C TYR C 107 6.22 0.11 -36.45
N HIS C 108 6.05 -0.65 -37.54
CA HIS C 108 7.16 -0.90 -38.46
C HIS C 108 7.70 0.46 -38.92
N ASN C 109 6.85 1.17 -39.66
CA ASN C 109 7.27 2.46 -40.19
C ASN C 109 7.61 3.50 -39.10
N LEU C 110 6.76 3.60 -38.09
CA LEU C 110 6.96 4.54 -37.00
C LEU C 110 8.28 4.32 -36.25
N ASP C 111 8.55 3.08 -35.86
CA ASP C 111 9.79 2.76 -35.17
C ASP C 111 10.99 3.05 -36.07
N ALA C 112 10.86 2.72 -37.36
CA ALA C 112 11.93 3.09 -38.30
C ALA C 112 12.24 4.59 -38.22
N PHE C 113 11.21 5.41 -38.45
CA PHE C 113 11.35 6.86 -38.42
C PHE C 113 11.93 7.37 -37.10
N VAL C 114 11.45 6.81 -35.99
CA VAL C 114 11.96 7.18 -34.66
C VAL C 114 13.45 6.91 -34.55
N ARG C 115 13.87 5.73 -35.01
CA ARG C 115 15.29 5.41 -35.03
C ARG C 115 16.06 6.46 -35.83
N LEU C 116 15.51 6.84 -36.98
CA LEU C 116 16.15 7.89 -37.79
C LEU C 116 16.32 9.18 -36.98
N ILE C 117 15.26 9.61 -36.31
CA ILE C 117 15.31 10.84 -35.52
C ILE C 117 16.37 10.76 -34.43
N ALA C 118 16.34 9.69 -33.64
CA ALA C 118 17.28 9.52 -32.54
C ALA C 118 18.72 9.52 -33.03
N LEU C 119 18.95 8.84 -34.16
CA LEU C 119 20.30 8.79 -34.73
C LEU C 119 20.76 10.14 -35.26
N LEU C 120 19.83 10.89 -35.87
CA LEU C 120 20.17 12.22 -36.37
C LEU C 120 20.46 13.19 -35.23
N VAL C 121 19.78 13.00 -34.10
CA VAL C 121 20.02 13.84 -32.92
C VAL C 121 21.34 13.50 -32.27
N LYS C 122 21.60 12.20 -32.10
CA LYS C 122 22.81 11.72 -31.44
C LYS C 122 24.08 12.17 -32.17
N HIS C 123 24.07 12.14 -33.50
CA HIS C 123 25.27 12.45 -34.27
C HIS C 123 25.25 13.85 -34.89
N SER C 124 24.35 14.71 -34.40
CA SER C 124 24.28 16.07 -34.89
C SER C 124 25.44 16.92 -34.38
N GLY C 125 26.25 17.43 -35.31
CA GLY C 125 27.38 18.26 -34.96
C GLY C 125 28.51 17.46 -34.32
N GLU C 126 29.29 18.12 -33.48
CA GLU C 126 30.43 17.48 -32.83
C GLU C 126 29.97 16.54 -31.73
N ALA C 127 30.93 15.88 -31.09
CA ALA C 127 30.62 14.97 -29.99
C ALA C 127 30.37 15.75 -28.70
N THR C 128 31.04 16.89 -28.55
CA THR C 128 30.92 17.70 -27.35
C THR C 128 29.82 18.74 -27.49
N ASN C 129 29.50 19.10 -28.73
CA ASN C 129 28.46 20.10 -28.99
C ASN C 129 27.07 19.56 -28.72
N THR C 130 26.52 19.91 -27.56
CA THR C 130 25.21 19.41 -27.15
C THR C 130 24.09 20.33 -27.61
N VAL C 131 24.44 21.58 -27.83
CA VAL C 131 23.49 22.62 -28.20
C VAL C 131 22.69 22.28 -29.46
N THR C 132 23.39 21.93 -30.54
CA THR C 132 22.71 21.62 -31.80
C THR C 132 21.90 20.33 -31.70
N LYS C 133 22.36 19.41 -30.85
CA LYS C 133 21.64 18.17 -30.61
C LYS C 133 20.29 18.46 -29.96
N ILE C 134 20.32 19.22 -28.87
CA ILE C 134 19.10 19.56 -28.15
C ILE C 134 18.18 20.41 -29.02
N ASN C 135 18.77 21.33 -29.77
CA ASN C 135 18.02 22.18 -30.70
C ASN C 135 17.29 21.36 -31.75
N LEU C 136 17.98 20.36 -32.30
CA LEU C 136 17.38 19.46 -33.27
C LEU C 136 16.25 18.66 -32.64
N LEU C 137 16.48 18.18 -31.41
CA LEU C 137 15.45 17.44 -30.69
C LEU C 137 14.18 18.26 -30.50
N ASN C 138 14.33 19.47 -29.98
CA ASN C 138 13.17 20.34 -29.77
C ASN C 138 12.51 20.74 -31.08
N LYS C 139 13.31 20.88 -32.13
CA LYS C 139 12.80 21.17 -33.46
C LYS C 139 11.87 20.06 -33.93
N VAL C 140 12.39 18.83 -33.94
CA VAL C 140 11.61 17.67 -34.37
C VAL C 140 10.35 17.50 -33.52
N LEU C 141 10.52 17.56 -32.20
CA LEU C 141 9.38 17.43 -31.29
C LEU C 141 8.32 18.48 -31.58
N GLY C 142 8.75 19.70 -31.86
CA GLY C 142 7.85 20.79 -32.21
C GLY C 142 7.09 20.48 -33.49
N ILE C 143 7.81 20.02 -34.51
CA ILE C 143 7.19 19.65 -35.78
C ILE C 143 6.12 18.58 -35.60
N VAL C 144 6.47 17.53 -34.86
CA VAL C 144 5.53 16.47 -34.54
C VAL C 144 4.31 17.01 -33.82
N VAL C 145 4.52 17.94 -32.89
CA VAL C 145 3.42 18.58 -32.19
C VAL C 145 2.49 19.28 -33.17
N GLY C 146 3.08 20.02 -34.10
CA GLY C 146 2.31 20.72 -35.11
C GLY C 146 1.46 19.79 -35.96
N VAL C 147 2.09 18.71 -36.42
CA VAL C 147 1.37 17.70 -37.20
C VAL C 147 0.21 17.11 -36.39
N LEU C 148 0.48 16.84 -35.12
CA LEU C 148 -0.52 16.28 -34.21
C LEU C 148 -1.73 17.21 -34.08
N LEU C 149 -1.46 18.48 -33.79
CA LEU C 149 -2.53 19.45 -33.59
C LEU C 149 -3.34 19.66 -34.86
N GLN C 150 -2.65 19.76 -35.99
CA GLN C 150 -3.33 19.89 -37.28
C GLN C 150 -4.24 18.70 -37.55
N ASP C 151 -3.70 17.50 -37.33
CA ASP C 151 -4.45 16.27 -37.55
C ASP C 151 -5.66 16.19 -36.63
N HIS C 152 -5.50 16.69 -35.40
CA HIS C 152 -6.58 16.70 -34.42
C HIS C 152 -7.68 17.67 -34.84
N ASP C 153 -7.28 18.83 -35.36
CA ASP C 153 -8.24 19.83 -35.78
C ASP C 153 -8.97 19.44 -37.05
N VAL C 154 -8.32 18.67 -37.92
CA VAL C 154 -8.95 18.29 -39.19
C VAL C 154 -9.76 16.99 -39.07
N ARG C 155 -9.12 15.91 -38.64
CA ARG C 155 -9.77 14.60 -38.55
C ARG C 155 -10.87 14.56 -37.49
N GLN C 156 -10.70 15.36 -36.44
CA GLN C 156 -11.67 15.49 -35.36
C GLN C 156 -11.95 14.16 -34.67
N SER C 157 -13.04 13.51 -35.05
CA SER C 157 -13.45 12.26 -34.40
C SER C 157 -12.68 11.06 -34.93
N GLU C 158 -12.19 11.16 -36.17
CA GLU C 158 -11.43 10.07 -36.77
C GLU C 158 -9.97 10.12 -36.34
N PHE C 159 -9.62 11.10 -35.51
CA PHE C 159 -8.25 11.26 -35.04
C PHE C 159 -7.79 10.04 -34.24
N GLN C 160 -6.54 9.65 -34.47
CA GLN C 160 -5.95 8.52 -33.77
C GLN C 160 -4.70 8.94 -33.01
N GLN C 161 -4.64 8.57 -31.74
CA GLN C 161 -3.56 9.00 -30.86
C GLN C 161 -2.34 8.10 -30.99
N LEU C 162 -2.58 6.86 -31.40
CA LEU C 162 -1.56 5.79 -31.38
C LEU C 162 -0.23 6.12 -32.07
N PRO C 163 -0.27 6.68 -33.31
CA PRO C 163 1.02 6.93 -33.96
C PRO C 163 1.89 7.95 -33.21
N TYR C 164 1.31 9.07 -32.81
CA TYR C 164 2.05 10.11 -32.11
C TYR C 164 2.55 9.62 -30.76
N HIS C 165 1.71 8.84 -30.08
CA HIS C 165 2.10 8.21 -28.83
C HIS C 165 3.34 7.34 -29.04
N ARG C 166 3.27 6.49 -30.07
CA ARG C 166 4.38 5.59 -30.41
C ARG C 166 5.66 6.39 -30.68
N ILE C 167 5.55 7.41 -31.52
CA ILE C 167 6.71 8.25 -31.83
C ILE C 167 7.33 8.84 -30.57
N PHE C 168 6.49 9.46 -29.75
CA PHE C 168 6.96 10.11 -28.52
C PHE C 168 7.64 9.13 -27.56
N ILE C 169 6.97 8.02 -27.26
CA ILE C 169 7.51 7.11 -26.25
C ILE C 169 8.74 6.36 -26.77
N MET C 170 8.75 5.97 -28.04
CA MET C 170 9.89 5.26 -28.59
C MET C 170 11.09 6.19 -28.74
N LEU C 171 10.82 7.47 -29.04
CA LEU C 171 11.90 8.45 -29.09
C LEU C 171 12.48 8.69 -27.69
N LEU C 172 11.58 8.77 -26.70
CA LEU C 172 12.00 8.94 -25.32
C LEU C 172 12.87 7.77 -24.86
N LEU C 173 12.45 6.55 -25.22
CA LEU C 173 13.20 5.35 -24.83
C LEU C 173 14.54 5.27 -25.55
N GLU C 174 14.56 5.60 -26.83
CA GLU C 174 15.79 5.61 -27.61
C GLU C 174 16.80 6.61 -27.04
N LEU C 175 16.33 7.81 -26.71
CA LEU C 175 17.22 8.86 -26.25
C LEU C 175 17.62 8.72 -24.78
N ASN C 176 17.04 7.73 -24.11
CA ASN C 176 17.42 7.42 -22.74
C ASN C 176 18.25 6.15 -22.67
N ALA C 177 19.01 5.91 -23.73
CA ALA C 177 19.88 4.74 -23.82
C ALA C 177 21.17 4.97 -23.03
N PRO C 178 21.75 3.88 -22.52
CA PRO C 178 23.02 3.97 -21.76
C PRO C 178 24.21 4.31 -22.65
N GLU C 179 24.23 5.52 -23.20
CA GLU C 179 25.34 5.97 -24.04
C GLU C 179 25.86 7.31 -23.56
N HIS C 180 27.15 7.55 -23.81
CA HIS C 180 27.83 8.75 -23.33
C HIS C 180 27.18 10.04 -23.82
N VAL C 181 27.13 10.19 -25.14
CA VAL C 181 26.55 11.37 -25.77
C VAL C 181 25.12 11.61 -25.30
N LEU C 182 24.35 10.54 -25.17
CA LEU C 182 22.96 10.62 -24.75
C LEU C 182 22.83 10.95 -23.26
N GLU C 183 23.81 10.53 -22.47
CA GLU C 183 23.79 10.81 -21.04
C GLU C 183 24.24 12.22 -20.73
N THR C 184 25.06 12.79 -21.60
CA THR C 184 25.52 14.17 -21.43
C THR C 184 24.40 15.16 -21.73
N ILE C 185 23.33 14.69 -22.35
CA ILE C 185 22.21 15.55 -22.72
C ILE C 185 20.88 15.03 -22.21
N ASN C 186 20.95 14.08 -21.27
CA ASN C 186 19.75 13.42 -20.78
C ASN C 186 18.73 14.36 -20.15
N PHE C 187 19.19 15.19 -19.22
CA PHE C 187 18.30 16.11 -18.52
C PHE C 187 17.64 17.10 -19.46
N GLN C 188 18.38 17.52 -20.49
CA GLN C 188 17.85 18.46 -21.47
C GLN C 188 16.84 17.77 -22.39
N THR C 189 17.08 16.49 -22.65
CA THR C 189 16.13 15.65 -23.39
C THR C 189 14.81 15.58 -22.63
N LEU C 190 14.93 15.24 -21.34
CA LEU C 190 13.79 15.18 -20.44
C LEU C 190 13.08 16.52 -20.36
N THR C 191 13.85 17.60 -20.45
CA THR C 191 13.28 18.94 -20.43
C THR C 191 12.44 19.17 -21.68
N ALA C 192 13.00 18.80 -22.83
CA ALA C 192 12.30 18.93 -24.10
C ALA C 192 10.99 18.15 -24.08
N PHE C 193 11.06 16.91 -23.60
CA PHE C 193 9.86 16.08 -23.54
C PHE C 193 8.83 16.63 -22.55
N CYS C 194 9.30 17.21 -21.45
CA CYS C 194 8.40 17.82 -20.48
C CYS C 194 7.67 19.01 -21.10
N ASN C 195 8.42 19.86 -21.80
CA ASN C 195 7.82 20.99 -22.50
C ASN C 195 6.79 20.53 -23.52
N THR C 196 7.15 19.51 -24.29
CA THR C 196 6.24 18.95 -25.29
C THR C 196 4.95 18.42 -24.66
N PHE C 197 5.09 17.71 -23.55
CA PHE C 197 3.95 17.16 -22.83
C PHE C 197 3.07 18.27 -22.25
N HIS C 198 3.71 19.36 -21.83
CA HIS C 198 2.99 20.50 -21.28
C HIS C 198 2.19 21.21 -22.37
N ILE C 199 2.80 21.36 -23.55
CA ILE C 199 2.13 21.97 -24.69
C ILE C 199 0.95 21.12 -25.16
N LEU C 200 1.08 19.80 -25.01
CA LEU C 200 0.03 18.87 -25.43
C LEU C 200 -0.92 18.52 -24.28
N ARG C 201 -1.00 19.39 -23.28
CA ARG C 201 -1.87 19.16 -22.13
C ARG C 201 -3.33 19.06 -22.59
N PRO C 202 -4.11 18.18 -21.91
CA PRO C 202 -5.49 17.86 -22.29
C PRO C 202 -6.43 19.06 -22.41
N THR C 203 -6.13 20.17 -21.74
CA THR C 203 -6.95 21.38 -21.91
C THR C 203 -6.65 22.03 -23.26
N LYS C 204 -5.51 21.68 -23.84
CA LYS C 204 -5.11 22.22 -25.15
C LYS C 204 -5.25 21.18 -26.25
N ALA C 205 -5.21 19.90 -25.87
CA ALA C 205 -5.36 18.82 -26.82
C ALA C 205 -6.17 17.67 -26.22
N PRO C 206 -7.50 17.87 -26.12
CA PRO C 206 -8.42 16.92 -25.48
C PRO C 206 -8.45 15.55 -26.15
N GLY C 207 -8.29 15.54 -27.48
CA GLY C 207 -8.38 14.30 -28.23
C GLY C 207 -7.16 13.41 -28.07
N PHE C 208 -6.22 13.86 -27.24
CA PHE C 208 -4.98 13.14 -27.02
C PHE C 208 -4.76 12.85 -25.54
N VAL C 209 -5.79 13.06 -24.73
CA VAL C 209 -5.68 13.00 -23.28
C VAL C 209 -5.28 11.60 -22.75
N TYR C 210 -5.78 10.54 -23.39
CA TYR C 210 -5.47 9.19 -22.96
C TYR C 210 -4.01 8.84 -23.21
N ALA C 211 -3.55 9.11 -24.42
CA ALA C 211 -2.17 8.88 -24.80
C ALA C 211 -1.25 9.79 -23.98
N TRP C 212 -1.71 11.01 -23.73
CA TRP C 212 -0.96 11.97 -22.92
C TRP C 212 -0.74 11.44 -21.50
N LEU C 213 -1.82 10.91 -20.93
CA LEU C 213 -1.76 10.34 -19.60
C LEU C 213 -0.82 9.14 -19.58
N GLU C 214 -0.92 8.31 -20.61
CA GLU C 214 -0.01 7.17 -20.78
C GLU C 214 1.45 7.63 -20.83
N LEU C 215 1.68 8.79 -21.45
CA LEU C 215 3.03 9.30 -21.63
C LEU C 215 3.60 9.88 -20.35
N ILE C 216 2.78 10.61 -19.60
CA ILE C 216 3.27 11.26 -18.39
C ILE C 216 3.25 10.31 -17.20
N SER C 217 2.56 9.18 -17.32
CA SER C 217 2.54 8.19 -16.26
C SER C 217 3.34 6.95 -16.65
N HIS C 218 4.24 7.11 -17.61
CA HIS C 218 5.12 6.01 -18.01
C HIS C 218 6.20 5.82 -16.94
N ARG C 219 6.45 4.57 -16.57
CA ARG C 219 7.30 4.24 -15.45
C ARG C 219 8.75 4.74 -15.62
N ILE C 220 9.28 4.60 -16.82
CA ILE C 220 10.66 5.01 -17.10
C ILE C 220 10.79 6.54 -17.06
N PHE C 221 9.81 7.22 -17.66
CA PHE C 221 9.79 8.69 -17.63
C PHE C 221 9.77 9.18 -16.18
N ILE C 222 8.88 8.61 -15.38
CA ILE C 222 8.79 8.96 -13.97
C ILE C 222 10.12 8.71 -13.25
N ALA C 223 10.72 7.55 -13.53
CA ALA C 223 12.00 7.20 -12.94
C ALA C 223 13.07 8.24 -13.24
N ARG C 224 13.20 8.61 -14.51
CA ARG C 224 14.22 9.55 -14.94
C ARG C 224 13.95 10.96 -14.40
N MET C 225 12.68 11.31 -14.26
CA MET C 225 12.31 12.64 -13.76
C MET C 225 12.52 12.79 -12.24
N LEU C 226 12.14 11.78 -11.48
CA LEU C 226 12.09 11.90 -10.02
C LEU C 226 13.28 11.32 -9.28
N ALA C 227 14.21 10.69 -9.98
CA ALA C 227 15.32 10.04 -9.31
C ALA C 227 16.67 10.33 -9.98
N HIS C 228 16.71 10.20 -11.30
CA HIS C 228 17.97 10.26 -12.05
C HIS C 228 18.70 11.59 -11.87
N THR C 229 17.95 12.68 -11.83
CA THR C 229 18.56 14.01 -11.73
C THR C 229 18.72 14.44 -10.27
N PRO C 230 19.93 14.95 -9.94
CA PRO C 230 20.17 15.53 -8.61
C PRO C 230 19.50 16.90 -8.50
N GLN C 231 19.58 17.52 -7.32
CA GLN C 231 18.99 18.84 -7.04
C GLN C 231 17.47 18.87 -7.24
N GLN C 232 16.91 17.74 -7.65
CA GLN C 232 15.46 17.59 -7.84
C GLN C 232 14.89 18.64 -8.80
N LYS C 233 15.66 18.98 -9.83
CA LYS C 233 15.21 19.96 -10.81
C LYS C 233 14.06 19.42 -11.66
N GLY C 234 13.90 18.10 -11.64
CA GLY C 234 12.85 17.45 -12.41
C GLY C 234 11.53 17.41 -11.68
N TRP C 235 11.57 17.58 -10.36
CA TRP C 235 10.36 17.53 -9.55
C TRP C 235 9.35 18.64 -9.89
N PRO C 236 9.79 19.91 -10.00
CA PRO C 236 8.80 20.94 -10.33
C PRO C 236 8.11 20.73 -11.68
N MET C 237 8.84 20.22 -12.66
CA MET C 237 8.31 20.03 -14.01
C MET C 237 7.24 18.94 -14.03
N TYR C 238 7.56 17.79 -13.42
CA TYR C 238 6.62 16.69 -13.35
C TYR C 238 5.42 17.10 -12.51
N ALA C 239 5.67 17.91 -11.49
CA ALA C 239 4.61 18.49 -10.68
C ALA C 239 3.68 19.30 -11.58
N GLN C 240 4.28 20.04 -12.52
CA GLN C 240 3.51 20.83 -13.47
C GLN C 240 2.65 19.94 -14.36
N LEU C 241 3.22 18.82 -14.80
CA LEU C 241 2.46 17.87 -15.61
C LEU C 241 1.25 17.33 -14.85
N LEU C 242 1.49 16.82 -13.64
CA LEU C 242 0.42 16.30 -12.79
C LEU C 242 -0.65 17.36 -12.52
N ILE C 243 -0.23 18.59 -12.27
CA ILE C 243 -1.16 19.68 -12.04
C ILE C 243 -1.98 19.98 -13.30
N ASP C 244 -1.36 19.85 -14.47
CA ASP C 244 -2.12 19.96 -15.71
C ASP C 244 -3.22 18.90 -15.77
N LEU C 245 -2.83 17.66 -15.46
CA LEU C 245 -3.79 16.56 -15.42
C LEU C 245 -4.97 16.85 -14.48
N PHE C 246 -4.67 17.23 -13.25
CA PHE C 246 -5.69 17.47 -12.24
C PHE C 246 -6.58 18.65 -12.62
N LYS C 247 -5.98 19.68 -13.21
CA LYS C 247 -6.74 20.83 -13.68
C LYS C 247 -7.72 20.42 -14.76
N TYR C 248 -7.29 19.55 -15.67
CA TYR C 248 -8.19 19.06 -16.70
C TYR C 248 -9.31 18.21 -16.11
N LEU C 249 -8.97 17.39 -15.12
CA LEU C 249 -9.94 16.42 -14.59
C LEU C 249 -10.93 17.00 -13.57
N ALA C 250 -10.58 18.13 -12.96
CA ALA C 250 -11.34 18.68 -11.84
C ALA C 250 -12.85 18.85 -12.10
N PRO C 251 -13.25 19.55 -13.19
CA PRO C 251 -14.71 19.73 -13.34
C PRO C 251 -15.46 18.43 -13.60
N PHE C 252 -14.80 17.43 -14.15
CA PHE C 252 -15.42 16.14 -14.42
C PHE C 252 -15.51 15.31 -13.13
N LEU C 253 -14.44 15.33 -12.36
CA LEU C 253 -14.38 14.61 -11.10
C LEU C 253 -15.33 15.21 -10.07
N ARG C 254 -15.62 16.50 -10.22
CA ARG C 254 -16.50 17.21 -9.29
C ARG C 254 -17.96 16.79 -9.45
N ASN C 255 -18.37 16.51 -10.69
CA ASN C 255 -19.73 16.09 -10.98
C ASN C 255 -19.90 14.59 -10.84
N VAL C 256 -20.84 14.17 -9.99
CA VAL C 256 -20.98 12.76 -9.65
C VAL C 256 -21.68 11.95 -10.74
N GLU C 257 -22.33 12.64 -11.67
CA GLU C 257 -23.04 11.95 -12.75
C GLU C 257 -22.09 11.49 -13.86
N LEU C 258 -20.84 11.92 -13.77
CA LEU C 258 -19.84 11.56 -14.77
C LEU C 258 -18.86 10.54 -14.23
N THR C 259 -19.29 9.77 -13.24
CA THR C 259 -18.43 8.77 -12.61
C THR C 259 -18.08 7.64 -13.58
N LYS C 260 -19.09 7.10 -14.25
CA LYS C 260 -18.90 5.98 -15.17
C LYS C 260 -18.13 6.32 -16.46
N PRO C 261 -18.46 7.45 -17.12
CA PRO C 261 -17.66 7.73 -18.33
C PRO C 261 -16.22 8.13 -18.03
N MET C 262 -15.95 8.58 -16.82
CA MET C 262 -14.60 9.01 -16.44
C MET C 262 -13.80 7.91 -15.76
N GLN C 263 -14.29 6.67 -15.83
CA GLN C 263 -13.65 5.54 -15.16
C GLN C 263 -12.22 5.30 -15.64
N ILE C 264 -12.00 5.42 -16.95
CA ILE C 264 -10.69 5.16 -17.52
C ILE C 264 -9.63 6.16 -17.03
N LEU C 265 -9.90 7.45 -17.23
CA LEU C 265 -8.99 8.49 -16.81
C LEU C 265 -8.78 8.49 -15.30
N TYR C 266 -9.86 8.22 -14.57
CA TYR C 266 -9.78 8.15 -13.12
C TYR C 266 -8.90 7.00 -12.68
N LYS C 267 -8.99 5.88 -13.39
CA LYS C 267 -8.21 4.70 -13.02
C LYS C 267 -6.74 4.89 -13.40
N GLY C 268 -6.50 5.64 -14.46
CA GLY C 268 -5.13 5.97 -14.85
C GLY C 268 -4.49 6.88 -13.83
N THR C 269 -5.24 7.90 -13.41
CA THR C 269 -4.77 8.86 -12.41
C THR C 269 -4.53 8.17 -11.07
N LEU C 270 -5.45 7.28 -10.70
CA LEU C 270 -5.32 6.47 -9.50
C LEU C 270 -4.07 5.63 -9.59
N ARG C 271 -3.83 5.07 -10.77
CA ARG C 271 -2.67 4.22 -10.99
C ARG C 271 -1.38 5.00 -10.77
N VAL C 272 -1.25 6.14 -11.45
CA VAL C 272 0.00 6.90 -11.34
C VAL C 272 0.19 7.42 -9.91
N LEU C 273 -0.91 7.77 -9.25
CA LEU C 273 -0.82 8.21 -7.85
C LEU C 273 -0.36 7.07 -6.93
N LEU C 274 -0.80 5.85 -7.24
CA LEU C 274 -0.36 4.66 -6.51
C LEU C 274 1.14 4.42 -6.72
N VAL C 275 1.56 4.52 -7.98
CA VAL C 275 2.97 4.37 -8.34
C VAL C 275 3.82 5.36 -7.55
N LEU C 276 3.45 6.63 -7.63
CA LEU C 276 4.17 7.69 -6.93
C LEU C 276 4.15 7.46 -5.42
N LEU C 277 3.03 6.98 -4.89
CA LEU C 277 2.94 6.73 -3.46
C LEU C 277 3.92 5.64 -3.01
N HIS C 278 3.91 4.51 -3.71
CA HIS C 278 4.73 3.38 -3.31
C HIS C 278 6.22 3.57 -3.60
N ASP C 279 6.55 4.32 -4.65
CA ASP C 279 7.94 4.42 -5.07
C ASP C 279 8.57 5.81 -4.90
N PHE C 280 7.75 6.85 -4.83
CA PHE C 280 8.28 8.21 -4.66
C PHE C 280 7.45 9.04 -3.67
N PRO C 281 7.37 8.58 -2.41
CA PRO C 281 6.50 9.27 -1.44
C PRO C 281 6.96 10.67 -1.10
N GLU C 282 8.27 10.91 -1.10
CA GLU C 282 8.83 12.23 -0.80
C GLU C 282 8.29 13.29 -1.74
N PHE C 283 8.16 12.92 -3.01
CA PHE C 283 7.62 13.82 -4.02
C PHE C 283 6.18 14.21 -3.71
N LEU C 284 5.35 13.22 -3.40
CA LEU C 284 3.96 13.47 -3.05
C LEU C 284 3.85 14.29 -1.77
N CYS C 285 4.83 14.14 -0.89
CA CYS C 285 4.90 14.96 0.32
C CYS C 285 5.14 16.42 -0.01
N ASP C 286 6.22 16.68 -0.76
CA ASP C 286 6.65 18.04 -1.02
C ASP C 286 5.63 18.86 -1.81
N TYR C 287 4.81 18.18 -2.62
CA TYR C 287 3.86 18.86 -3.48
C TYR C 287 2.41 18.50 -3.15
N HIS C 288 2.14 18.16 -1.90
CA HIS C 288 0.80 17.73 -1.50
C HIS C 288 -0.18 18.89 -1.56
N TYR C 289 0.30 20.10 -1.24
CA TYR C 289 -0.58 21.25 -1.10
C TYR C 289 -1.16 21.71 -2.44
N GLY C 290 -0.34 21.76 -3.48
CA GLY C 290 -0.81 22.17 -4.79
C GLY C 290 -1.80 21.18 -5.36
N PHE C 291 -1.47 19.90 -5.22
CA PHE C 291 -2.33 18.82 -5.67
C PHE C 291 -3.69 18.88 -4.97
N CYS C 292 -3.66 18.99 -3.65
CA CYS C 292 -4.91 19.09 -2.88
C CYS C 292 -5.67 20.35 -3.26
N ASP C 293 -4.93 21.38 -3.64
CA ASP C 293 -5.51 22.66 -4.01
C ASP C 293 -6.27 22.55 -5.33
N VAL C 294 -5.77 21.70 -6.23
CA VAL C 294 -6.38 21.55 -7.55
C VAL C 294 -7.43 20.43 -7.58
N ILE C 295 -7.20 19.36 -6.85
CA ILE C 295 -8.13 18.22 -6.83
C ILE C 295 -9.36 18.51 -5.96
N PRO C 296 -10.56 18.37 -6.54
CA PRO C 296 -11.82 18.60 -5.82
C PRO C 296 -11.96 17.74 -4.58
N PRO C 297 -12.48 18.32 -3.48
CA PRO C 297 -12.55 17.72 -2.14
C PRO C 297 -13.34 16.42 -2.05
N ASN C 298 -14.15 16.12 -3.05
CA ASN C 298 -14.97 14.91 -3.01
C ASN C 298 -14.18 13.67 -3.41
N CYS C 299 -13.04 13.88 -4.07
CA CYS C 299 -12.19 12.78 -4.50
C CYS C 299 -11.36 12.27 -3.32
N ILE C 300 -12.04 11.62 -2.38
CA ILE C 300 -11.42 11.16 -1.13
C ILE C 300 -10.23 10.23 -1.35
N GLN C 301 -10.36 9.33 -2.32
CA GLN C 301 -9.34 8.30 -2.54
C GLN C 301 -8.01 8.88 -3.01
N LEU C 302 -8.02 9.59 -4.13
CA LEU C 302 -6.81 10.19 -4.70
C LEU C 302 -6.12 11.09 -3.68
N ARG C 303 -6.90 11.99 -3.12
CA ARG C 303 -6.41 12.93 -2.12
CA ARG C 303 -6.40 12.93 -2.12
C ARG C 303 -5.81 12.17 -0.94
N ASN C 304 -6.41 11.04 -0.59
CA ASN C 304 -5.88 10.22 0.49
C ASN C 304 -4.53 9.64 0.14
N LEU C 305 -4.39 9.18 -1.10
CA LEU C 305 -3.10 8.70 -1.59
C LEU C 305 -2.06 9.80 -1.48
N ILE C 306 -2.46 11.03 -1.78
CA ILE C 306 -1.51 12.15 -1.72
C ILE C 306 -1.15 12.55 -0.29
N LEU C 307 -2.11 12.43 0.62
CA LEU C 307 -1.93 12.86 2.00
C LEU C 307 -1.28 11.80 2.89
N SER C 308 -1.41 10.54 2.49
CA SER C 308 -0.87 9.44 3.28
C SER C 308 0.63 9.28 3.08
N ALA C 309 1.16 9.97 2.08
CA ALA C 309 2.58 9.89 1.76
C ALA C 309 3.45 10.51 2.85
N PHE C 310 4.51 9.81 3.23
CA PHE C 310 5.48 10.31 4.22
C PHE C 310 6.88 9.84 3.85
N PRO C 311 7.90 10.65 4.23
CA PRO C 311 9.31 10.30 3.99
C PRO C 311 9.68 8.92 4.55
N ARG C 312 10.39 8.12 3.77
CA ARG C 312 10.70 6.74 4.13
C ARG C 312 11.77 6.64 5.22
N ASN C 313 12.53 7.71 5.43
CA ASN C 313 13.52 7.73 6.49
C ASN C 313 12.91 8.12 7.83
N MET C 314 11.58 8.20 7.86
CA MET C 314 10.84 8.43 9.10
C MET C 314 10.01 7.21 9.47
N ARG C 315 9.99 6.87 10.75
CA ARG C 315 9.19 5.74 11.22
C ARG C 315 7.99 6.22 12.01
N LEU C 316 6.79 5.96 11.48
CA LEU C 316 5.56 6.37 12.14
C LEU C 316 5.21 5.44 13.30
N PRO C 317 5.01 6.01 14.49
CA PRO C 317 4.58 5.22 15.64
C PRO C 317 3.14 4.75 15.47
N ASP C 318 2.83 3.57 16.01
CA ASP C 318 1.49 3.01 15.92
C ASP C 318 0.49 3.87 16.67
N PRO C 319 -0.54 4.37 15.97
CA PRO C 319 -1.57 5.22 16.58
C PRO C 319 -2.33 4.53 17.72
N PHE C 320 -2.28 3.20 17.76
CA PHE C 320 -2.97 2.45 18.80
C PHE C 320 -2.04 2.07 19.94
N THR C 321 -0.85 2.67 19.97
CA THR C 321 0.12 2.45 21.04
C THR C 321 -0.45 2.95 22.37
N PRO C 322 -0.42 2.08 23.39
CA PRO C 322 -0.91 2.43 24.73
C PRO C 322 -0.26 3.69 25.29
N ASN C 323 -1.05 4.75 25.40
CA ASN C 323 -0.59 6.06 25.86
C ASN C 323 0.62 6.57 25.08
N LEU C 324 0.38 6.94 23.83
CA LEU C 324 1.43 7.48 22.98
C LEU C 324 1.66 8.96 23.27
N LYS C 325 2.89 9.30 23.63
CA LYS C 325 3.25 10.69 23.91
C LYS C 325 3.62 11.42 22.62
N VAL C 326 2.62 12.05 22.00
CA VAL C 326 2.82 12.72 20.72
C VAL C 326 3.73 13.94 20.86
N ASP C 327 3.55 14.69 21.94
CA ASP C 327 4.32 15.91 22.16
C ASP C 327 5.80 15.63 22.41
N MET C 328 6.11 14.40 22.81
CA MET C 328 7.49 14.03 23.12
C MET C 328 8.19 13.38 21.94
N LEU C 329 7.51 13.34 20.79
CA LEU C 329 8.12 12.83 19.57
C LEU C 329 9.16 13.82 19.04
N SER C 330 10.22 13.30 18.45
CA SER C 330 11.33 14.14 17.99
C SER C 330 10.98 14.94 16.74
N GLU C 331 10.19 14.34 15.86
CA GLU C 331 9.88 14.95 14.57
C GLU C 331 8.68 15.90 14.64
N ILE C 332 8.08 16.02 15.83
CA ILE C 332 6.90 16.86 16.00
C ILE C 332 7.23 18.34 15.89
N ASN C 333 8.37 18.75 16.44
CA ASN C 333 8.76 20.16 16.43
C ASN C 333 9.31 20.63 15.09
N ILE C 334 9.47 19.69 14.15
CA ILE C 334 10.01 20.01 12.83
C ILE C 334 8.90 20.30 11.82
N ALA C 335 9.10 21.34 11.01
CA ALA C 335 8.10 21.74 10.03
C ALA C 335 8.32 21.06 8.69
N PRO C 336 7.22 20.70 8.01
CA PRO C 336 7.29 20.09 6.68
C PRO C 336 7.60 21.12 5.60
N ARG C 337 8.20 20.68 4.52
CA ARG C 337 8.55 21.57 3.41
C ARG C 337 7.38 21.77 2.47
N ILE C 338 7.02 23.03 2.23
CA ILE C 338 5.94 23.36 1.30
C ILE C 338 6.51 24.07 0.07
N LEU C 339 6.45 23.39 -1.07
CA LEU C 339 7.02 23.92 -2.31
C LEU C 339 5.97 24.63 -3.15
N THR C 340 5.03 25.28 -2.48
CA THR C 340 3.99 26.04 -3.16
C THR C 340 3.79 27.40 -2.50
N ASN C 341 3.76 28.45 -3.30
CA ASN C 341 3.53 29.80 -2.79
C ASN C 341 2.04 30.07 -2.58
N PHE C 342 1.51 29.58 -1.46
CA PHE C 342 0.09 29.74 -1.15
C PHE C 342 -0.24 31.16 -0.72
N THR C 343 0.78 31.90 -0.31
CA THR C 343 0.63 33.29 0.11
C THR C 343 0.08 34.16 -1.01
N GLY C 344 0.55 33.92 -2.23
CA GLY C 344 0.18 34.73 -3.38
C GLY C 344 -1.29 34.73 -3.71
N VAL C 345 -2.00 33.68 -3.30
CA VAL C 345 -3.43 33.58 -3.54
C VAL C 345 -4.17 34.71 -2.84
N MET C 346 -3.64 35.14 -1.69
CA MET C 346 -4.20 36.24 -0.94
C MET C 346 -3.93 37.59 -1.62
N PRO C 347 -4.98 38.41 -1.77
CA PRO C 347 -4.81 39.79 -2.25
C PRO C 347 -3.91 40.59 -1.31
N PRO C 348 -3.13 41.54 -1.87
CA PRO C 348 -2.17 42.35 -1.11
C PRO C 348 -2.78 43.04 0.11
N GLN C 349 -3.89 43.75 -0.08
CA GLN C 349 -4.53 44.49 1.00
C GLN C 349 -5.04 43.55 2.09
N PHE C 350 -5.67 42.45 1.67
CA PHE C 350 -6.19 41.47 2.62
C PHE C 350 -5.06 40.83 3.41
N LYS C 351 -3.92 40.63 2.75
CA LYS C 351 -2.74 40.05 3.38
C LYS C 351 -2.18 41.03 4.41
N LYS C 352 -2.17 42.31 4.06
CA LYS C 352 -1.69 43.36 4.95
C LYS C 352 -2.56 43.47 6.20
N ASP C 353 -3.88 43.48 6.00
CA ASP C 353 -4.82 43.53 7.12
C ASP C 353 -4.70 42.28 7.98
N LEU C 354 -4.49 41.13 7.33
CA LEU C 354 -4.30 39.87 8.02
C LEU C 354 -3.09 39.91 8.94
N ASP C 355 -1.94 40.31 8.38
CA ASP C 355 -0.72 40.42 9.16
C ASP C 355 -0.87 41.44 10.29
N SER C 356 -1.57 42.53 9.98
CA SER C 356 -1.83 43.57 10.97
C SER C 356 -2.60 43.01 12.17
N TYR C 357 -3.71 42.32 11.90
CA TYR C 357 -4.49 41.72 12.98
C TYR C 357 -3.72 40.63 13.71
N LEU C 358 -2.86 39.92 12.99
CA LEU C 358 -2.06 38.87 13.62
C LEU C 358 -1.01 39.47 14.56
N LYS C 359 -0.57 40.68 14.25
CA LYS C 359 0.45 41.34 15.06
C LYS C 359 -0.15 42.10 16.25
N THR C 360 -1.33 42.68 16.05
CA THR C 360 -1.89 43.59 17.05
C THR C 360 -3.22 43.12 17.66
N ARG C 361 -3.79 42.05 17.10
CA ARG C 361 -5.08 41.53 17.54
C ARG C 361 -6.15 42.62 17.58
N SER C 362 -6.22 43.40 16.51
CA SER C 362 -7.16 44.51 16.40
C SER C 362 -7.25 45.01 14.95
N PRO C 363 -8.45 45.41 14.51
CA PRO C 363 -9.71 45.41 15.24
C PRO C 363 -10.47 44.09 15.10
N VAL C 364 -11.55 43.93 15.85
CA VAL C 364 -12.31 42.69 15.85
C VAL C 364 -13.23 42.57 14.63
N THR C 365 -13.51 43.71 13.97
CA THR C 365 -14.38 43.74 12.80
C THR C 365 -13.79 42.95 11.62
N PHE C 366 -12.47 42.78 11.66
CA PHE C 366 -11.73 42.08 10.63
C PHE C 366 -12.22 40.64 10.41
N LEU C 367 -12.98 40.10 11.35
CA LEU C 367 -13.44 38.72 11.27
C LEU C 367 -14.73 38.55 10.44
N SER C 368 -15.74 39.35 10.78
CA SER C 368 -16.88 39.48 9.91
C SER C 368 -16.39 39.87 8.53
N ASP C 369 -15.39 40.74 8.51
CA ASP C 369 -14.76 41.05 7.23
C ASP C 369 -14.09 39.82 6.63
N LEU C 370 -13.69 38.86 7.45
CA LEU C 370 -13.08 37.62 6.94
C LEU C 370 -14.12 36.86 6.15
N ARG C 371 -15.30 36.65 6.73
CA ARG C 371 -16.32 35.98 5.94
C ARG C 371 -16.62 36.81 4.70
N SER C 372 -16.65 38.12 4.86
CA SER C 372 -16.90 39.01 3.72
C SER C 372 -15.87 38.79 2.60
N ASN C 373 -14.65 38.41 2.97
CA ASN C 373 -13.55 38.26 2.02
C ASN C 373 -13.46 36.86 1.40
N LEU C 374 -13.91 35.84 2.12
CA LEU C 374 -13.80 34.48 1.59
C LEU C 374 -14.90 34.11 0.59
N GLN C 375 -16.08 34.70 0.73
CA GLN C 375 -17.22 34.32 -0.09
C GLN C 375 -17.25 35.09 -1.41
N VAL C 376 -17.62 34.41 -2.48
CA VAL C 376 -17.63 34.99 -3.83
C VAL C 376 -19.04 35.01 -4.43
N SER C 377 -19.79 33.94 -4.19
CA SER C 377 -21.13 33.82 -4.76
C SER C 377 -22.15 33.33 -3.73
N ASN C 378 -23.43 33.41 -4.09
CA ASN C 378 -24.50 32.89 -3.24
C ASN C 378 -25.06 31.58 -3.79
N GLU C 379 -24.45 31.10 -4.86
CA GLU C 379 -24.86 29.85 -5.49
C GLU C 379 -24.31 28.64 -4.74
N PRO C 380 -25.19 27.74 -4.31
CA PRO C 380 -24.84 26.53 -3.54
C PRO C 380 -23.77 25.68 -4.22
N GLY C 381 -22.65 25.46 -3.54
CA GLY C 381 -21.57 24.67 -4.08
C GLY C 381 -20.42 25.53 -4.59
N ASN C 382 -20.75 26.75 -5.03
CA ASN C 382 -19.76 27.67 -5.55
C ASN C 382 -19.80 29.01 -4.83
N ARG C 383 -19.97 28.98 -3.52
CA ARG C 383 -20.07 30.20 -2.73
C ARG C 383 -18.71 30.79 -2.40
N TYR C 384 -17.73 29.92 -2.17
CA TYR C 384 -16.45 30.36 -1.62
C TYR C 384 -15.27 30.18 -2.57
N ASN C 385 -14.18 30.86 -2.25
CA ASN C 385 -12.92 30.70 -2.96
C ASN C 385 -12.03 29.72 -2.22
N LEU C 386 -12.05 28.46 -2.67
CA LEU C 386 -11.43 27.35 -1.94
C LEU C 386 -9.93 27.57 -1.69
N GLN C 387 -9.21 27.98 -2.72
CA GLN C 387 -7.77 28.19 -2.63
C GLN C 387 -7.44 29.23 -1.58
N LEU C 388 -8.24 30.29 -1.53
CA LEU C 388 -8.04 31.36 -0.56
C LEU C 388 -8.28 30.87 0.86
N ILE C 389 -9.27 30.00 1.04
CA ILE C 389 -9.55 29.42 2.34
C ILE C 389 -8.39 28.54 2.80
N ASN C 390 -7.95 27.65 1.92
CA ASN C 390 -6.81 26.77 2.21
C ASN C 390 -5.57 27.58 2.59
N ALA C 391 -5.31 28.62 1.80
CA ALA C 391 -4.16 29.48 2.02
C ALA C 391 -4.27 30.21 3.35
N LEU C 392 -5.46 30.71 3.66
CA LEU C 392 -5.68 31.42 4.91
C LEU C 392 -5.44 30.51 6.11
N VAL C 393 -6.01 29.31 6.04
CA VAL C 393 -5.87 28.32 7.11
C VAL C 393 -4.40 27.96 7.33
N LEU C 394 -3.72 27.56 6.25
CA LEU C 394 -2.33 27.15 6.36
C LEU C 394 -1.44 28.28 6.84
N TYR C 395 -1.66 29.48 6.32
CA TYR C 395 -0.84 30.64 6.69
C TYR C 395 -1.02 31.01 8.14
N VAL C 396 -2.28 31.14 8.57
CA VAL C 396 -2.57 31.44 9.97
C VAL C 396 -1.95 30.38 10.87
N GLY C 397 -2.06 29.12 10.45
CA GLY C 397 -1.47 28.02 11.20
C GLY C 397 0.04 28.15 11.37
N THR C 398 0.76 28.36 10.26
CA THR C 398 2.20 28.45 10.30
C THR C 398 2.66 29.67 11.11
N GLN C 399 1.98 30.79 10.91
CA GLN C 399 2.28 32.01 11.66
C GLN C 399 2.08 31.76 13.15
N ALA C 400 1.05 30.99 13.48
CA ALA C 400 0.78 30.63 14.87
C ALA C 400 1.91 29.78 15.45
N ILE C 401 2.33 28.77 14.69
CA ILE C 401 3.42 27.90 15.12
C ILE C 401 4.70 28.70 15.38
N ALA C 402 5.02 29.59 14.45
CA ALA C 402 6.20 30.44 14.58
C ALA C 402 6.08 31.35 15.80
N HIS C 403 4.90 31.90 16.01
CA HIS C 403 4.64 32.79 17.13
C HIS C 403 4.83 32.08 18.47
N ILE C 404 4.25 30.89 18.59
CA ILE C 404 4.40 30.09 19.79
C ILE C 404 5.85 29.70 20.03
N HIS C 405 6.54 29.30 18.96
CA HIS C 405 7.95 28.94 19.04
C HIS C 405 8.80 30.13 19.50
N ASN C 406 8.41 31.34 19.10
CA ASN C 406 9.15 32.54 19.47
C ASN C 406 8.93 32.93 20.93
N LYS C 407 7.83 32.46 21.51
CA LYS C 407 7.52 32.75 22.91
C LYS C 407 8.27 31.79 23.84
N GLY C 408 8.94 30.80 23.27
CA GLY C 408 9.72 29.85 24.04
C GLY C 408 8.90 28.65 24.49
N SER C 409 8.00 28.18 23.62
CA SER C 409 7.18 27.02 23.93
C SER C 409 6.71 26.31 22.65
N THR C 410 6.09 25.15 22.82
CA THR C 410 5.61 24.36 21.70
C THR C 410 4.08 24.34 21.69
N PRO C 411 3.48 24.20 20.48
CA PRO C 411 2.02 24.17 20.36
C PRO C 411 1.37 23.06 21.17
N SER C 412 0.33 23.40 21.93
CA SER C 412 -0.45 22.41 22.67
C SER C 412 -1.90 22.87 22.79
N MET C 413 -2.66 22.21 23.65
CA MET C 413 -4.06 22.56 23.85
C MET C 413 -4.22 23.84 24.65
N SER C 414 -3.15 24.24 25.32
CA SER C 414 -3.21 25.42 26.19
C SER C 414 -2.27 26.52 25.71
N THR C 415 -1.70 26.35 24.52
CA THR C 415 -0.73 27.31 23.99
C THR C 415 -1.21 27.91 22.67
N ILE C 416 -2.18 27.26 22.04
CA ILE C 416 -2.71 27.75 20.76
C ILE C 416 -3.98 28.56 20.97
N THR C 417 -4.37 28.75 22.23
CA THR C 417 -5.64 29.37 22.54
C THR C 417 -5.53 30.86 22.83
N HIS C 418 -6.64 31.56 22.64
CA HIS C 418 -6.77 32.98 22.98
C HIS C 418 -5.70 33.83 22.32
N SER C 419 -5.76 33.89 20.99
CA SER C 419 -4.84 34.69 20.19
C SER C 419 -5.52 35.09 18.90
N ALA C 420 -4.88 35.97 18.12
CA ALA C 420 -5.42 36.42 16.85
C ALA C 420 -5.71 35.25 15.91
N HIS C 421 -4.76 34.32 15.85
CA HIS C 421 -4.87 33.15 14.99
C HIS C 421 -6.12 32.34 15.33
N MET C 422 -6.23 31.97 16.60
CA MET C 422 -7.35 31.18 17.06
C MET C 422 -8.64 31.99 17.00
N ASP C 423 -8.53 33.32 17.07
CA ASP C 423 -9.68 34.18 16.86
C ASP C 423 -10.23 33.98 15.46
N ILE C 424 -9.31 34.00 14.48
CA ILE C 424 -9.68 33.75 13.10
C ILE C 424 -10.30 32.37 12.95
N PHE C 425 -9.68 31.35 13.54
CA PHE C 425 -10.18 29.99 13.43
C PHE C 425 -11.59 29.83 14.01
N GLN C 426 -11.80 30.30 15.23
CA GLN C 426 -13.10 30.18 15.90
C GLN C 426 -14.17 30.99 15.16
N ASN C 427 -13.79 32.19 14.71
CA ASN C 427 -14.73 33.01 13.96
C ASN C 427 -15.15 32.33 12.67
N LEU C 428 -14.21 31.69 11.99
CA LEU C 428 -14.56 30.94 10.78
C LEU C 428 -15.43 29.75 11.15
N ALA C 429 -15.21 29.22 12.35
CA ALA C 429 -15.94 28.05 12.83
C ALA C 429 -17.39 28.38 13.15
N VAL C 430 -17.68 29.64 13.48
CA VAL C 430 -19.06 30.00 13.80
C VAL C 430 -19.79 30.80 12.70
N ASP C 431 -19.11 31.78 12.12
CA ASP C 431 -19.76 32.74 11.22
C ASP C 431 -19.96 32.21 9.80
N LEU C 432 -19.21 31.18 9.42
CA LEU C 432 -19.40 30.59 8.09
C LEU C 432 -20.63 29.69 8.08
N ASP C 433 -21.27 29.57 6.92
CA ASP C 433 -22.39 28.66 6.76
C ASP C 433 -21.85 27.23 6.66
N THR C 434 -22.75 26.27 6.49
CA THR C 434 -22.37 24.85 6.45
C THR C 434 -21.31 24.56 5.39
N GLU C 435 -21.49 25.10 4.19
CA GLU C 435 -20.53 24.91 3.10
C GLU C 435 -19.15 25.46 3.48
N GLY C 436 -19.13 26.71 3.92
CA GLY C 436 -17.91 27.36 4.33
C GLY C 436 -17.23 26.61 5.45
N ARG C 437 -18.01 26.16 6.42
CA ARG C 437 -17.47 25.38 7.53
C ARG C 437 -16.84 24.09 7.01
N TYR C 438 -17.48 23.46 6.04
CA TYR C 438 -16.96 22.22 5.45
C TYR C 438 -15.61 22.46 4.78
N LEU C 439 -15.55 23.51 3.96
CA LEU C 439 -14.30 23.85 3.28
C LEU C 439 -13.19 24.22 4.26
N PHE C 440 -13.57 24.88 5.35
CA PHE C 440 -12.63 25.30 6.39
C PHE C 440 -12.05 24.10 7.13
N LEU C 441 -12.93 23.24 7.62
CA LEU C 441 -12.54 22.03 8.33
C LEU C 441 -11.68 21.12 7.43
N ASN C 442 -12.05 21.04 6.15
CA ASN C 442 -11.25 20.29 5.19
C ASN C 442 -9.86 20.92 5.00
N ALA C 443 -9.83 22.24 4.96
CA ALA C 443 -8.58 22.98 4.82
C ALA C 443 -7.67 22.69 6.00
N ILE C 444 -8.27 22.48 7.17
CA ILE C 444 -7.49 22.08 8.34
C ILE C 444 -7.02 20.63 8.22
N ALA C 445 -7.94 19.75 7.82
CA ALA C 445 -7.66 18.31 7.76
C ALA C 445 -6.57 17.96 6.75
N ASN C 446 -6.39 18.79 5.72
CA ASN C 446 -5.39 18.55 4.70
C ASN C 446 -3.96 18.58 5.24
N GLN C 447 -3.80 19.08 6.47
CA GLN C 447 -2.49 19.19 7.08
C GLN C 447 -2.28 18.08 8.11
N LEU C 448 -3.32 17.28 8.33
CA LEU C 448 -3.21 16.14 9.24
C LEU C 448 -2.51 14.98 8.56
N ARG C 449 -1.19 14.96 8.66
CA ARG C 449 -0.39 13.97 7.95
C ARG C 449 0.61 13.28 8.88
N TYR C 450 1.86 13.18 8.44
CA TYR C 450 2.89 12.51 9.24
C TYR C 450 3.39 13.46 10.34
N PRO C 451 4.01 12.91 11.39
CA PRO C 451 4.49 13.72 12.51
C PRO C 451 5.33 14.93 12.11
N ASN C 452 4.73 16.11 12.23
CA ASN C 452 5.42 17.38 12.05
C ASN C 452 4.68 18.48 12.80
N SER C 453 5.20 19.70 12.73
CA SER C 453 4.61 20.82 13.47
C SER C 453 3.21 21.16 12.96
N HIS C 454 3.03 21.11 11.65
CA HIS C 454 1.75 21.40 11.04
C HIS C 454 0.70 20.39 11.49
N THR C 455 1.03 19.11 11.35
CA THR C 455 0.15 18.02 11.76
C THR C 455 -0.32 18.19 13.20
N HIS C 456 0.64 18.41 14.10
CA HIS C 456 0.35 18.55 15.52
C HIS C 456 -0.52 19.77 15.80
N TYR C 457 -0.09 20.92 15.30
CA TYR C 457 -0.81 22.17 15.52
C TYR C 457 -2.25 22.08 15.04
N PHE C 458 -2.44 21.52 13.85
CA PHE C 458 -3.78 21.49 13.26
C PHE C 458 -4.63 20.39 13.88
N SER C 459 -3.99 19.36 14.41
CA SER C 459 -4.69 18.35 15.20
C SER C 459 -5.27 19.01 16.44
N CYS C 460 -4.41 19.69 17.19
CA CYS C 460 -4.82 20.42 18.38
C CYS C 460 -5.88 21.46 18.07
N THR C 461 -5.78 22.07 16.90
CA THR C 461 -6.73 23.09 16.48
C THR C 461 -8.11 22.48 16.23
N MET C 462 -8.13 21.37 15.50
CA MET C 462 -9.37 20.64 15.23
C MET C 462 -10.03 20.24 16.55
N LEU C 463 -9.26 19.59 17.42
CA LEU C 463 -9.78 19.11 18.70
C LEU C 463 -10.27 20.25 19.59
N TYR C 464 -9.58 21.38 19.55
CA TYR C 464 -9.98 22.54 20.34
C TYR C 464 -11.28 23.12 19.81
N LEU C 465 -11.38 23.25 18.50
CA LEU C 465 -12.60 23.72 17.86
C LEU C 465 -13.77 22.82 18.24
N PHE C 466 -13.51 21.52 18.34
CA PHE C 466 -14.52 20.59 18.83
C PHE C 466 -14.90 20.89 20.28
N ALA C 467 -13.89 21.08 21.12
CA ALA C 467 -14.12 21.23 22.56
C ALA C 467 -14.74 22.57 22.92
N GLU C 468 -14.27 23.64 22.30
CA GLU C 468 -14.71 24.99 22.64
C GLU C 468 -16.01 25.36 21.92
N ALA C 469 -16.56 24.41 21.17
CA ALA C 469 -17.80 24.64 20.44
C ALA C 469 -18.98 24.88 21.37
N ASN C 470 -19.86 25.80 20.98
CA ASN C 470 -21.05 26.10 21.77
C ASN C 470 -22.29 25.39 21.24
N THR C 471 -22.19 24.84 20.04
CA THR C 471 -23.27 24.07 19.45
C THR C 471 -22.74 22.73 18.92
N GLU C 472 -23.63 21.76 18.74
CA GLU C 472 -23.23 20.44 18.29
C GLU C 472 -23.09 20.34 16.77
N ALA C 473 -23.45 21.41 16.07
CA ALA C 473 -23.39 21.42 14.61
C ALA C 473 -21.96 21.22 14.10
N ILE C 474 -21.06 22.11 14.52
CA ILE C 474 -19.68 22.05 14.07
C ILE C 474 -18.99 20.79 14.58
N GLN C 475 -19.47 20.27 15.71
CA GLN C 475 -18.91 19.04 16.28
C GLN C 475 -19.24 17.85 15.41
N GLU C 476 -20.53 17.68 15.11
CA GLU C 476 -20.98 16.63 14.21
C GLU C 476 -20.31 16.76 12.85
N GLN C 477 -20.14 18.01 12.40
CA GLN C 477 -19.51 18.26 11.10
C GLN C 477 -18.06 17.80 11.10
N ILE C 478 -17.32 18.15 12.15
CA ILE C 478 -15.95 17.68 12.32
C ILE C 478 -15.88 16.17 12.29
N THR C 479 -16.73 15.55 13.11
CA THR C 479 -16.80 14.10 13.21
C THR C 479 -17.03 13.45 11.85
N ARG C 480 -17.96 14.01 11.08
CA ARG C 480 -18.29 13.47 9.77
C ARG C 480 -17.18 13.70 8.75
N VAL C 481 -16.42 14.78 8.94
CA VAL C 481 -15.27 15.05 8.08
C VAL C 481 -14.19 13.98 8.31
N LEU C 482 -13.83 13.78 9.57
CA LEU C 482 -12.85 12.75 9.92
C LEU C 482 -13.32 11.38 9.42
N LEU C 483 -14.61 11.11 9.64
CA LEU C 483 -15.21 9.86 9.22
C LEU C 483 -15.09 9.64 7.72
N GLU C 484 -15.46 10.64 6.93
CA GLU C 484 -15.42 10.49 5.48
C GLU C 484 -13.98 10.39 4.98
N ARG C 485 -13.06 11.02 5.68
CA ARG C 485 -11.66 10.94 5.27
C ARG C 485 -11.00 9.62 5.70
N LEU C 486 -11.61 8.92 6.64
CA LEU C 486 -11.05 7.64 7.09
C LEU C 486 -11.58 6.43 6.31
N ILE C 487 -12.80 6.52 5.79
CA ILE C 487 -13.37 5.41 5.03
C ILE C 487 -12.75 5.33 3.64
N VAL C 488 -11.59 4.67 3.57
CA VAL C 488 -10.84 4.55 2.33
C VAL C 488 -9.80 3.45 2.51
N ASN C 489 -9.30 2.90 1.41
CA ASN C 489 -8.28 1.85 1.47
C ASN C 489 -6.99 2.31 2.15
N ARG C 490 -6.36 1.40 2.87
CA ARG C 490 -5.09 1.67 3.52
C ARG C 490 -4.03 2.04 2.47
N PRO C 491 -3.04 2.86 2.86
CA PRO C 491 -2.83 3.41 4.20
C PRO C 491 -3.67 4.65 4.48
N HIS C 492 -3.51 5.21 5.67
CA HIS C 492 -4.20 6.43 6.08
C HIS C 492 -3.18 7.42 6.63
N PRO C 493 -3.46 8.72 6.50
CA PRO C 493 -2.59 9.74 7.08
C PRO C 493 -2.49 9.58 8.60
N TRP C 494 -1.28 9.63 9.12
CA TRP C 494 -1.03 9.41 10.54
C TRP C 494 -1.79 10.38 11.43
N GLY C 495 -1.64 11.67 11.14
CA GLY C 495 -2.27 12.71 11.95
C GLY C 495 -3.79 12.66 11.96
N LEU C 496 -4.37 12.20 10.86
CA LEU C 496 -5.83 12.07 10.76
C LEU C 496 -6.33 11.02 11.75
N LEU C 497 -5.74 9.83 11.66
CA LEU C 497 -6.09 8.71 12.53
C LEU C 497 -5.80 9.06 14.00
N ILE C 498 -4.70 9.76 14.23
CA ILE C 498 -4.32 10.21 15.56
C ILE C 498 -5.38 11.16 16.13
N THR C 499 -5.78 12.13 15.32
CA THR C 499 -6.80 13.09 15.72
C THR C 499 -8.11 12.41 16.05
N PHE C 500 -8.54 11.50 15.17
CA PHE C 500 -9.78 10.77 15.38
C PHE C 500 -9.73 9.94 16.67
N ILE C 501 -8.67 9.17 16.81
CA ILE C 501 -8.47 8.32 18.00
C ILE C 501 -8.48 9.16 19.27
N GLU C 502 -7.80 10.30 19.25
CA GLU C 502 -7.75 11.19 20.41
C GLU C 502 -9.13 11.74 20.73
N LEU C 503 -9.87 12.12 19.71
CA LEU C 503 -11.22 12.63 19.89
C LEU C 503 -12.14 11.58 20.52
N ILE C 504 -12.02 10.33 20.07
CA ILE C 504 -12.91 9.27 20.54
C ILE C 504 -12.53 8.72 21.92
N LYS C 505 -11.22 8.64 22.19
CA LYS C 505 -10.71 7.95 23.36
C LYS C 505 -10.58 8.84 24.59
N ASN C 506 -10.14 10.08 24.38
CA ASN C 506 -9.94 11.01 25.49
C ASN C 506 -11.27 11.47 26.08
N PRO C 507 -11.51 11.14 27.36
CA PRO C 507 -12.77 11.46 28.04
C PRO C 507 -12.98 12.96 28.24
N ALA C 508 -11.92 13.74 28.09
CA ALA C 508 -12.02 15.19 28.24
C ALA C 508 -12.92 15.82 27.19
N PHE C 509 -12.94 15.23 25.99
CA PHE C 509 -13.77 15.75 24.91
C PHE C 509 -15.21 15.26 25.02
N LYS C 510 -15.42 14.28 25.90
CA LYS C 510 -16.76 13.75 26.21
C LYS C 510 -17.55 13.43 24.94
N PHE C 511 -16.89 12.81 23.97
CA PHE C 511 -17.47 12.59 22.65
C PHE C 511 -18.79 11.83 22.68
N TRP C 512 -18.85 10.78 23.50
CA TRP C 512 -19.99 9.88 23.48
C TRP C 512 -21.20 10.41 24.25
N ASN C 513 -21.05 11.56 24.88
CA ASN C 513 -22.13 12.17 25.63
C ASN C 513 -22.96 13.16 24.80
N HIS C 514 -22.61 13.29 23.53
CA HIS C 514 -23.31 14.22 22.65
C HIS C 514 -24.51 13.58 21.97
N GLU C 515 -25.40 14.41 21.43
CA GLU C 515 -26.68 13.94 20.90
C GLU C 515 -26.57 13.37 19.50
N PHE C 516 -25.67 13.91 18.69
CA PHE C 516 -25.57 13.51 17.28
C PHE C 516 -25.01 12.10 17.12
N VAL C 517 -24.39 11.58 18.18
CA VAL C 517 -23.81 10.24 18.14
C VAL C 517 -24.65 9.29 19.00
N HIS C 518 -25.45 9.86 19.88
CA HIS C 518 -26.29 9.09 20.80
C HIS C 518 -27.43 8.36 20.09
N CYS C 519 -28.07 9.04 19.15
CA CYS C 519 -29.27 8.53 18.52
C CYS C 519 -29.02 7.86 17.17
N ALA C 520 -28.20 8.50 16.34
CA ALA C 520 -28.02 8.09 14.95
C ALA C 520 -27.35 6.72 14.80
N PRO C 521 -27.99 5.81 14.06
CA PRO C 521 -27.40 4.54 13.64
C PRO C 521 -26.62 4.69 12.35
N GLU C 522 -26.82 5.82 11.67
CA GLU C 522 -26.10 6.14 10.44
C GLU C 522 -24.62 6.42 10.73
N ILE C 523 -24.38 7.33 11.66
CA ILE C 523 -23.03 7.67 12.08
C ILE C 523 -22.38 6.46 12.74
N GLU C 524 -23.21 5.56 13.27
CA GLU C 524 -22.74 4.31 13.83
C GLU C 524 -22.24 3.41 12.71
N LYS C 525 -22.98 3.39 11.60
CA LYS C 525 -22.56 2.66 10.42
C LYS C 525 -21.23 3.20 9.91
N LEU C 526 -21.12 4.52 9.88
CA LEU C 526 -19.87 5.18 9.50
C LEU C 526 -18.72 4.74 10.40
N PHE C 527 -19.00 4.69 11.71
CA PHE C 527 -18.00 4.25 12.67
C PHE C 527 -17.58 2.80 12.43
N GLN C 528 -18.54 1.98 12.01
CA GLN C 528 -18.24 0.59 11.70
C GLN C 528 -17.34 0.48 10.47
N SER C 529 -17.66 1.29 9.45
CA SER C 529 -16.85 1.33 8.25
C SER C 529 -15.43 1.76 8.58
N VAL C 530 -15.30 2.80 9.38
CA VAL C 530 -13.99 3.26 9.84
C VAL C 530 -13.27 2.15 10.61
N ALA C 531 -14.02 1.39 11.39
CA ALA C 531 -13.43 0.29 12.14
C ALA C 531 -12.93 -0.81 11.20
N GLN C 532 -13.59 -0.96 10.06
CA GLN C 532 -13.21 -2.00 9.10
C GLN C 532 -12.05 -1.57 8.21
N CYS C 533 -11.93 -0.27 7.96
CA CYS C 533 -10.91 0.26 7.06
C CYS C 533 -9.61 0.62 7.78
N CYS C 534 -9.73 1.11 9.00
CA CYS C 534 -8.58 1.64 9.74
C CYS C 534 -8.19 0.78 10.94
N MET C 535 -9.09 -0.09 11.36
CA MET C 535 -8.83 -0.94 12.52
C MET C 535 -8.89 -2.42 12.16
N PHE D 1 -22.73 3.55 19.64
CA PHE D 1 -21.81 3.07 20.66
C PHE D 1 -21.87 3.97 21.90
N SER D 2 -21.31 3.50 23.01
CA SER D 2 -21.42 4.23 24.27
C SER D 2 -20.07 4.69 24.80
N SER D 3 -18.98 4.10 24.31
CA SER D 3 -17.65 4.48 24.75
C SER D 3 -16.56 4.01 23.80
N TRP D 4 -15.31 4.20 24.19
CA TRP D 4 -14.16 3.80 23.39
C TRP D 4 -14.00 2.29 23.38
N ASN D 5 -14.02 1.69 24.56
CA ASN D 5 -13.94 0.24 24.68
C ASN D 5 -15.17 -0.45 24.10
N ASP D 6 -16.32 0.20 24.24
CA ASP D 6 -17.57 -0.31 23.66
C ASP D 6 -17.46 -0.35 22.15
N TYR D 7 -16.79 0.66 21.59
CA TYR D 7 -16.57 0.76 20.16
C TYR D 7 -15.56 -0.27 19.70
N LEU D 8 -14.55 -0.54 20.52
CA LEU D 8 -13.53 -1.53 20.19
C LEU D 8 -14.02 -2.95 20.36
N GLY D 9 -15.15 -3.10 21.05
CA GLY D 9 -15.73 -4.42 21.29
C GLY D 9 -16.71 -4.83 20.22
N LEU D 10 -16.71 -4.10 19.11
CA LEU D 10 -17.61 -4.36 18.00
C LEU D 10 -17.34 -5.72 17.37
N ALA D 11 -18.40 -6.35 16.86
CA ALA D 11 -18.28 -7.63 16.16
C ALA D 11 -18.63 -7.45 14.68
N THR D 12 -17.62 -7.13 13.88
CA THR D 12 -17.82 -6.80 12.47
C THR D 12 -18.16 -8.02 11.62
N LEU D 13 -17.42 -9.11 11.82
CA LEU D 13 -17.55 -10.31 11.00
C LEU D 13 -18.91 -10.99 11.15
N ILE D 14 -19.59 -10.72 12.27
CA ILE D 14 -20.89 -11.31 12.53
C ILE D 14 -22.02 -10.34 12.16
#